data_2QVC
#
_entry.id   2QVC
#
_cell.length_a   123.325
_cell.length_b   123.325
_cell.length_c   280.593
_cell.angle_alpha   90.00
_cell.angle_beta   90.00
_cell.angle_gamma   120.00
#
_symmetry.space_group_name_H-M   'H 3'
#
loop_
_entity.id
_entity.type
_entity.pdbx_description
1 polymer 'Sugar ABC transporter, periplasmic sugar-binding protein'
2 non-polymer beta-D-glucopyranose
3 water water
#
_entity_poly.entity_id   1
_entity_poly.type   'polypeptide(L)'
_entity_poly.pdbx_seq_one_letter_code
;(MSE)SLTIGVIGKSVHPYWSQVEQGVKAAGKALGVDTKFFVPQKEDINAQLQ(MSE)LESFIAEGVNGIAIAPSDPTAV
IPTIKKALE(MSE)GIPVVTLDTDSPDSGRYVYIGTDNYQAGYTAGLI(MSE)KELLGGKGKVVIGTGSLTA(MSE)NSL
QRIQGFKDAIKDSEIEIVDILNDEEDGARAVSLAEAALNAHPDLDAFFGVYAYNGPAQALVVKNAGKVGKVKIVCFDTTP
DILQYVKEGVIQAT(MSE)GQRPY(MSE)(MSE)GYLSVTVLYL(MSE)NKIGVQNTL(MSE)(MSE)LPKVKVDGKVDY
VIDTGVDVVTPENLDEYLKK(MSE)EELGIPIKEGHHHHHH
;
_entity_poly.pdbx_strand_id   A,B,C,D
#
# COMPACT_ATOMS: atom_id res chain seq x y z
N LEU A 3 -22.74 0.99 1.27
CA LEU A 3 -22.41 0.46 -0.07
C LEU A 3 -21.84 1.53 -0.99
N THR A 4 -21.04 1.10 -1.95
CA THR A 4 -20.42 1.99 -2.90
C THR A 4 -20.58 1.43 -4.30
N ILE A 5 -20.99 2.28 -5.22
CA ILE A 5 -21.18 1.86 -6.59
C ILE A 5 -20.40 2.77 -7.50
N GLY A 6 -19.69 2.17 -8.45
CA GLY A 6 -18.88 2.92 -9.39
C GLY A 6 -19.42 2.89 -10.80
N VAL A 7 -19.39 4.04 -11.47
CA VAL A 7 -19.87 4.18 -12.83
C VAL A 7 -18.82 4.84 -13.71
N ILE A 8 -18.64 4.27 -14.90
CA ILE A 8 -17.64 4.75 -15.86
C ILE A 8 -18.22 5.18 -17.21
N GLY A 9 -18.06 6.47 -17.53
CA GLY A 9 -18.55 7.00 -18.78
C GLY A 9 -17.50 7.02 -19.88
N LYS A 10 -17.81 7.65 -21.01
CA LYS A 10 -16.90 7.71 -22.14
C LYS A 10 -16.24 9.05 -22.49
N SER A 11 -16.82 10.17 -22.06
CA SER A 11 -16.21 11.47 -22.35
C SER A 11 -16.77 12.57 -21.46
N VAL A 12 -16.12 13.75 -21.47
CA VAL A 12 -16.57 14.83 -20.62
C VAL A 12 -17.74 15.65 -21.15
N HIS A 13 -18.41 15.15 -22.17
CA HIS A 13 -19.56 15.85 -22.74
C HIS A 13 -20.73 16.04 -21.75
N PRO A 14 -21.46 17.17 -21.86
CA PRO A 14 -22.58 17.41 -20.95
C PRO A 14 -23.55 16.24 -20.91
N TYR A 15 -23.55 15.41 -21.94
CA TYR A 15 -24.42 14.24 -21.99
C TYR A 15 -24.10 13.34 -20.80
N TRP A 16 -22.82 13.24 -20.46
CA TRP A 16 -22.44 12.41 -19.34
C TRP A 16 -22.76 13.07 -18.02
N SER A 17 -23.01 14.38 -18.05
CA SER A 17 -23.35 15.10 -16.84
C SER A 17 -24.74 14.67 -16.45
N GLN A 18 -25.62 14.57 -17.44
CA GLN A 18 -26.99 14.16 -17.22
C GLN A 18 -26.97 12.78 -16.62
N VAL A 19 -26.09 11.91 -17.12
CA VAL A 19 -26.00 10.55 -16.58
C VAL A 19 -25.54 10.64 -15.12
N GLU A 20 -24.53 11.46 -14.83
CA GLU A 20 -24.03 11.62 -13.47
C GLU A 20 -25.12 12.10 -12.51
N GLN A 21 -25.96 13.04 -12.96
CA GLN A 21 -27.04 13.52 -12.11
C GLN A 21 -27.95 12.32 -11.76
N GLY A 22 -28.21 11.47 -12.75
CA GLY A 22 -29.04 10.30 -12.51
C GLY A 22 -28.37 9.40 -11.49
N VAL A 23 -27.05 9.28 -11.62
CA VAL A 23 -26.26 8.45 -10.71
C VAL A 23 -26.34 8.95 -9.27
N LYS A 24 -26.15 10.26 -9.08
CA LYS A 24 -26.17 10.90 -7.76
C LYS A 24 -27.54 10.91 -7.11
N ALA A 25 -28.56 11.17 -7.91
CA ALA A 25 -29.93 11.19 -7.41
C ALA A 25 -30.32 9.81 -6.93
N ALA A 26 -29.94 8.78 -7.69
CA ALA A 26 -30.29 7.43 -7.30
C ALA A 26 -29.54 7.05 -6.04
N GLY A 27 -28.28 7.45 -5.96
CA GLY A 27 -27.46 7.14 -4.81
C GLY A 27 -28.01 7.76 -3.54
N LYS A 28 -28.44 9.01 -3.65
CA LYS A 28 -29.00 9.76 -2.53
C LYS A 28 -30.32 9.15 -2.07
N ALA A 29 -31.16 8.73 -3.01
CA ALA A 29 -32.44 8.16 -2.66
C ALA A 29 -32.35 6.78 -2.02
N LEU A 30 -31.29 6.06 -2.36
CA LEU A 30 -31.09 4.71 -1.86
C LEU A 30 -30.05 4.61 -0.73
N GLY A 31 -29.42 5.74 -0.38
CA GLY A 31 -28.41 5.73 0.65
C GLY A 31 -27.16 4.98 0.20
N VAL A 32 -26.72 5.28 -1.02
CA VAL A 32 -25.55 4.63 -1.60
C VAL A 32 -24.52 5.65 -2.04
N ASP A 33 -23.25 5.32 -1.87
CA ASP A 33 -22.18 6.21 -2.30
C ASP A 33 -21.86 5.92 -3.75
N THR A 34 -21.63 6.96 -4.54
CA THR A 34 -21.31 6.76 -5.93
C THR A 34 -20.01 7.41 -6.41
N LYS A 35 -19.26 6.67 -7.21
CA LYS A 35 -18.02 7.15 -7.79
C LYS A 35 -18.32 7.25 -9.29
N PHE A 36 -18.06 8.40 -9.87
CA PHE A 36 -18.30 8.61 -11.29
C PHE A 36 -17.01 9.04 -12.00
N PHE A 37 -16.69 8.36 -13.10
CA PHE A 37 -15.50 8.70 -13.88
C PHE A 37 -15.76 8.76 -15.38
N VAL A 38 -15.25 9.81 -16.01
CA VAL A 38 -15.31 9.96 -17.45
C VAL A 38 -13.98 10.56 -17.85
N PRO A 39 -13.36 10.04 -18.90
CA PRO A 39 -12.07 10.58 -19.35
C PRO A 39 -12.41 11.81 -20.19
N GLN A 40 -11.40 12.57 -20.61
CA GLN A 40 -11.66 13.77 -21.43
C GLN A 40 -12.28 13.45 -22.78
N LYS A 41 -11.65 12.53 -23.50
CA LYS A 41 -12.14 12.09 -24.80
C LYS A 41 -12.12 10.57 -24.74
N GLU A 42 -12.42 9.90 -25.85
CA GLU A 42 -12.42 8.43 -25.83
C GLU A 42 -11.06 7.96 -25.33
N ASP A 43 -11.07 7.16 -24.26
CA ASP A 43 -9.82 6.68 -23.68
C ASP A 43 -9.99 5.29 -23.09
N ILE A 44 -9.87 4.27 -23.92
CA ILE A 44 -10.00 2.89 -23.48
C ILE A 44 -9.08 2.48 -22.33
N ASN A 45 -7.84 2.95 -22.36
CA ASN A 45 -6.88 2.61 -21.32
C ASN A 45 -7.24 3.22 -19.98
N ALA A 46 -7.76 4.44 -20.01
CA ALA A 46 -8.15 5.12 -18.78
C ALA A 46 -9.36 4.38 -18.18
N GLN A 47 -10.30 3.97 -19.03
CA GLN A 47 -11.49 3.26 -18.56
C GLN A 47 -11.04 1.96 -17.93
N LEU A 48 -10.06 1.31 -18.54
CA LEU A 48 -9.57 0.04 -18.00
C LEU A 48 -8.91 0.22 -16.63
N GLN A 49 -8.11 1.27 -16.49
CA GLN A 49 -7.43 1.55 -15.22
C GLN A 49 -8.42 1.92 -14.13
N LEU A 51 -11.43 1.00 -14.07
CA LEU A 51 -12.15 -0.23 -13.82
C LEU A 51 -11.33 -1.10 -12.85
N GLU A 52 -10.02 -1.18 -13.10
CA GLU A 52 -9.10 -1.95 -12.26
C GLU A 52 -9.10 -1.37 -10.87
N SER A 53 -9.13 -0.04 -10.79
CA SER A 53 -9.11 0.68 -9.53
C SER A 53 -10.38 0.46 -8.70
N PHE A 54 -11.56 0.59 -9.31
CA PHE A 54 -12.81 0.38 -8.60
C PHE A 54 -12.85 -1.04 -8.00
N ILE A 55 -12.29 -1.99 -8.72
CA ILE A 55 -12.26 -3.37 -8.26
C ILE A 55 -11.39 -3.51 -7.03
N ALA A 56 -10.17 -2.97 -7.12
CA ALA A 56 -9.25 -3.01 -6.01
C ALA A 56 -9.83 -2.31 -4.79
N GLU A 57 -10.58 -1.23 -5.01
CA GLU A 57 -11.21 -0.47 -3.93
C GLU A 57 -12.33 -1.28 -3.29
N GLY A 58 -12.75 -2.35 -3.97
CA GLY A 58 -13.81 -3.19 -3.45
C GLY A 58 -15.22 -2.62 -3.53
N VAL A 59 -15.53 -1.86 -4.59
CA VAL A 59 -16.87 -1.29 -4.75
C VAL A 59 -17.84 -2.45 -4.81
N ASN A 60 -19.11 -2.18 -4.54
CA ASN A 60 -20.10 -3.24 -4.53
C ASN A 60 -20.84 -3.40 -5.83
N GLY A 61 -20.49 -2.58 -6.82
CA GLY A 61 -21.13 -2.68 -8.11
C GLY A 61 -20.50 -1.77 -9.13
N ILE A 62 -20.48 -2.21 -10.38
CA ILE A 62 -19.91 -1.41 -11.46
C ILE A 62 -20.81 -1.34 -12.68
N ALA A 63 -21.03 -0.12 -13.17
CA ALA A 63 -21.80 0.12 -14.37
C ALA A 63 -20.79 0.77 -15.32
N ILE A 64 -20.60 0.19 -16.50
CA ILE A 64 -19.61 0.74 -17.43
C ILE A 64 -20.11 0.82 -18.86
N ALA A 65 -19.76 1.92 -19.53
CA ALA A 65 -20.11 2.16 -20.94
C ALA A 65 -18.80 2.00 -21.70
N PRO A 66 -18.49 0.76 -22.11
CA PRO A 66 -17.26 0.43 -22.84
C PRO A 66 -17.03 1.13 -24.16
N SER A 67 -15.89 1.80 -24.30
CA SER A 67 -15.54 2.46 -25.54
C SER A 67 -15.03 1.37 -26.48
N ASP A 68 -14.76 0.20 -25.90
CA ASP A 68 -14.32 -0.97 -26.63
C ASP A 68 -14.88 -2.16 -25.85
N PRO A 69 -15.92 -2.83 -26.40
CA PRO A 69 -16.56 -3.97 -25.75
C PRO A 69 -15.68 -5.20 -25.55
N THR A 70 -14.78 -5.46 -26.47
CA THR A 70 -13.90 -6.61 -26.35
C THR A 70 -12.79 -6.39 -25.32
N ALA A 71 -12.17 -5.23 -25.37
CA ALA A 71 -11.09 -4.90 -24.46
C ALA A 71 -11.42 -4.99 -22.96
N VAL A 72 -12.67 -4.73 -22.60
CA VAL A 72 -13.01 -4.78 -21.19
C VAL A 72 -13.42 -6.15 -20.68
N ILE A 73 -13.57 -7.13 -21.58
CA ILE A 73 -14.00 -8.45 -21.16
C ILE A 73 -13.21 -9.13 -20.03
N PRO A 74 -11.87 -9.20 -20.14
CA PRO A 74 -11.10 -9.84 -19.08
C PRO A 74 -11.27 -9.18 -17.71
N THR A 75 -11.20 -7.86 -17.68
CA THR A 75 -11.33 -7.12 -16.43
C THR A 75 -12.73 -7.24 -15.85
N ILE A 76 -13.75 -7.22 -16.71
CA ILE A 76 -15.12 -7.36 -16.23
C ILE A 76 -15.29 -8.75 -15.61
N LYS A 77 -14.63 -9.74 -16.22
CA LYS A 77 -14.69 -11.11 -15.72
C LYS A 77 -14.07 -11.20 -14.34
N LYS A 78 -12.99 -10.44 -14.13
CA LYS A 78 -12.33 -10.43 -12.85
C LYS A 78 -13.25 -9.80 -11.81
N ALA A 79 -13.84 -8.66 -12.15
CA ALA A 79 -14.77 -7.98 -11.24
C ALA A 79 -15.87 -8.94 -10.81
N LEU A 80 -16.33 -9.75 -11.77
CA LEU A 80 -17.38 -10.71 -11.48
C LEU A 80 -16.83 -11.83 -10.59
N GLU A 81 -15.60 -12.24 -10.83
CA GLU A 81 -14.97 -13.30 -10.03
C GLU A 81 -14.83 -12.84 -8.58
N GLY A 83 -16.78 -11.08 -7.07
CA GLY A 83 -18.09 -10.91 -6.47
C GLY A 83 -18.74 -9.55 -6.65
N ILE A 84 -18.25 -8.77 -7.61
CA ILE A 84 -18.78 -7.44 -7.89
C ILE A 84 -19.66 -7.44 -9.13
N PRO A 85 -20.97 -7.23 -8.95
CA PRO A 85 -21.92 -7.20 -10.06
C PRO A 85 -21.53 -6.19 -11.13
N VAL A 86 -21.81 -6.51 -12.39
CA VAL A 86 -21.48 -5.59 -13.47
C VAL A 86 -22.60 -5.43 -14.50
N VAL A 87 -22.92 -4.19 -14.83
CA VAL A 87 -23.93 -3.92 -15.83
C VAL A 87 -23.33 -2.88 -16.77
N THR A 88 -23.81 -2.85 -18.00
CA THR A 88 -23.32 -1.86 -18.96
C THR A 88 -24.40 -0.81 -19.16
N LEU A 89 -24.01 0.36 -19.61
CA LEU A 89 -24.96 1.41 -19.88
C LEU A 89 -24.45 2.25 -21.05
N ASP A 90 -25.38 2.78 -21.85
CA ASP A 90 -25.09 3.63 -23.00
C ASP A 90 -24.59 2.95 -24.25
N THR A 91 -23.79 1.91 -24.06
CA THR A 91 -23.23 1.09 -25.12
C THR A 91 -22.92 -0.25 -24.46
N ASP A 92 -23.10 -1.34 -25.20
CA ASP A 92 -22.95 -2.66 -24.63
C ASP A 92 -21.69 -3.49 -24.91
N SER A 93 -21.49 -4.53 -24.10
CA SER A 93 -20.41 -5.51 -24.22
C SER A 93 -21.06 -6.85 -23.83
N PRO A 94 -21.93 -7.39 -24.72
CA PRO A 94 -22.65 -8.63 -24.51
C PRO A 94 -21.90 -9.92 -24.18
N ASP A 95 -20.60 -10.01 -24.45
CA ASP A 95 -19.87 -11.23 -24.13
C ASP A 95 -19.00 -11.14 -22.88
N SER A 96 -19.08 -10.00 -22.19
CA SER A 96 -18.29 -9.74 -20.99
C SER A 96 -18.80 -10.45 -19.74
N GLY A 97 -20.09 -10.77 -19.70
CA GLY A 97 -20.65 -11.42 -18.54
C GLY A 97 -21.47 -10.41 -17.75
N ARG A 98 -21.59 -9.20 -18.29
CA ARG A 98 -22.35 -8.15 -17.64
C ARG A 98 -23.81 -8.61 -17.60
N TYR A 99 -24.42 -8.53 -16.42
CA TYR A 99 -25.78 -9.00 -16.22
C TYR A 99 -26.88 -8.28 -16.97
N VAL A 100 -26.78 -6.95 -17.05
CA VAL A 100 -27.82 -6.16 -17.71
C VAL A 100 -27.26 -5.00 -18.51
N TYR A 101 -27.85 -4.73 -19.67
CA TYR A 101 -27.47 -3.58 -20.48
C TYR A 101 -28.62 -2.59 -20.31
N ILE A 102 -28.28 -1.36 -20.02
CA ILE A 102 -29.27 -0.31 -19.77
C ILE A 102 -28.96 0.87 -20.65
N GLY A 103 -29.89 1.21 -21.54
CA GLY A 103 -29.70 2.34 -22.44
C GLY A 103 -30.63 2.35 -23.63
N THR A 104 -30.18 2.98 -24.71
CA THR A 104 -30.96 3.10 -25.95
C THR A 104 -30.80 1.89 -26.86
N ASP A 105 -31.86 1.57 -27.60
CA ASP A 105 -31.78 0.48 -28.56
C ASP A 105 -31.09 1.14 -29.75
N ASN A 106 -29.77 1.15 -29.71
CA ASN A 106 -28.95 1.80 -30.72
C ASN A 106 -29.23 1.48 -32.19
N TYR A 107 -29.29 0.20 -32.56
CA TYR A 107 -29.58 -0.17 -33.93
C TYR A 107 -30.86 0.50 -34.44
N GLN A 108 -31.93 0.40 -33.64
CA GLN A 108 -33.22 0.97 -34.00
C GLN A 108 -33.21 2.49 -33.99
N ALA A 109 -32.45 3.08 -33.09
CA ALA A 109 -32.38 4.53 -33.02
C ALA A 109 -31.76 5.02 -34.32
N GLY A 110 -30.78 4.27 -34.81
CA GLY A 110 -30.14 4.64 -36.06
C GLY A 110 -31.06 4.42 -37.23
N TYR A 111 -31.76 3.29 -37.23
CA TYR A 111 -32.70 2.95 -38.29
C TYR A 111 -33.70 4.08 -38.46
N THR A 112 -34.27 4.52 -37.34
CA THR A 112 -35.23 5.61 -37.33
C THR A 112 -34.62 6.87 -37.93
N ALA A 113 -33.40 7.17 -37.50
CA ALA A 113 -32.72 8.36 -37.99
C ALA A 113 -32.47 8.21 -39.49
N GLY A 114 -32.26 6.97 -39.92
CA GLY A 114 -32.02 6.70 -41.33
C GLY A 114 -33.27 6.94 -42.16
N LEU A 115 -34.42 6.54 -41.63
CA LEU A 115 -35.68 6.73 -42.35
C LEU A 115 -36.00 8.22 -42.43
N ILE A 116 -35.72 8.95 -41.36
CA ILE A 116 -35.99 10.40 -41.33
C ILE A 116 -35.13 11.08 -42.39
N LYS A 118 -33.83 9.66 -45.06
CA LYS A 118 -34.32 9.22 -46.35
C LYS A 118 -35.46 10.09 -46.82
N GLU A 119 -36.25 10.58 -45.88
CA GLU A 119 -37.39 11.44 -46.18
C GLU A 119 -36.93 12.87 -46.51
N LEU A 120 -36.02 13.40 -45.70
CA LEU A 120 -35.52 14.76 -45.91
C LEU A 120 -34.79 14.99 -47.21
N LEU A 121 -34.12 13.94 -47.71
CA LEU A 121 -33.34 14.02 -48.94
C LEU A 121 -34.10 13.51 -50.14
N GLY A 122 -35.33 13.08 -49.91
CA GLY A 122 -36.14 12.55 -50.99
C GLY A 122 -35.54 11.31 -51.60
N GLY A 123 -34.93 10.46 -50.78
CA GLY A 123 -34.37 9.23 -51.28
C GLY A 123 -33.05 9.28 -52.05
N LYS A 124 -32.44 10.46 -52.13
CA LYS A 124 -31.16 10.57 -52.83
C LYS A 124 -30.26 11.73 -52.38
N GLY A 125 -28.95 11.51 -52.48
CA GLY A 125 -27.98 12.51 -52.10
C GLY A 125 -26.77 11.90 -51.42
N LYS A 126 -25.79 12.73 -51.10
CA LYS A 126 -24.56 12.29 -50.45
C LYS A 126 -24.52 12.67 -48.98
N VAL A 127 -24.19 11.70 -48.14
CA VAL A 127 -24.14 11.92 -46.69
C VAL A 127 -22.78 11.62 -46.06
N VAL A 128 -22.36 12.49 -45.15
CA VAL A 128 -21.12 12.27 -44.42
C VAL A 128 -21.52 11.96 -42.97
N ILE A 129 -20.93 10.91 -42.41
CA ILE A 129 -21.23 10.53 -41.04
C ILE A 129 -20.10 10.95 -40.09
N GLY A 130 -20.50 11.42 -38.91
CA GLY A 130 -19.56 11.84 -37.90
C GLY A 130 -19.88 11.10 -36.61
N THR A 131 -18.89 10.43 -36.05
CA THR A 131 -19.08 9.70 -34.81
C THR A 131 -17.82 9.89 -33.99
N GLY A 132 -17.88 9.49 -32.72
CA GLY A 132 -16.70 9.67 -31.88
C GLY A 132 -15.99 8.36 -31.59
N SER A 133 -16.44 7.29 -32.23
CA SER A 133 -15.83 6.00 -32.00
C SER A 133 -16.15 5.01 -33.11
N LEU A 134 -15.22 4.09 -33.34
CA LEU A 134 -15.42 3.06 -34.33
C LEU A 134 -15.18 1.73 -33.65
N THR A 135 -15.21 1.74 -32.32
CA THR A 135 -15.03 0.53 -31.53
C THR A 135 -16.20 0.33 -30.61
N ALA A 136 -16.75 1.43 -30.11
CA ALA A 136 -17.91 1.37 -29.21
C ALA A 136 -19.07 0.73 -29.96
N ASN A 138 -22.21 1.01 -29.52
CA ASN A 138 -23.36 1.83 -29.77
C ASN A 138 -23.15 2.70 -31.00
N SER A 139 -21.91 3.06 -31.32
CA SER A 139 -21.69 3.85 -32.53
C SER A 139 -21.94 2.96 -33.74
N LEU A 140 -21.31 1.79 -33.74
CA LEU A 140 -21.45 0.83 -34.83
C LEU A 140 -22.89 0.42 -35.10
N GLN A 141 -23.70 0.32 -34.05
CA GLN A 141 -25.10 -0.08 -34.23
C GLN A 141 -25.97 1.03 -34.80
N ARG A 142 -25.68 2.26 -34.40
CA ARG A 142 -26.43 3.40 -34.89
C ARG A 142 -26.10 3.60 -36.37
N ILE A 143 -24.82 3.45 -36.70
CA ILE A 143 -24.37 3.60 -38.08
C ILE A 143 -24.93 2.48 -38.94
N GLN A 144 -24.86 1.25 -38.44
CA GLN A 144 -25.37 0.09 -39.15
C GLN A 144 -26.88 0.24 -39.43
N GLY A 145 -27.61 0.68 -38.41
CA GLY A 145 -29.04 0.88 -38.56
C GLY A 145 -29.34 1.98 -39.56
N PHE A 146 -28.48 2.99 -39.59
CA PHE A 146 -28.65 4.09 -40.52
C PHE A 146 -28.50 3.53 -41.94
N LYS A 147 -27.43 2.77 -42.15
CA LYS A 147 -27.19 2.19 -43.47
C LYS A 147 -28.33 1.30 -43.92
N ASP A 148 -28.85 0.48 -43.01
CA ASP A 148 -29.94 -0.45 -43.33
C ASP A 148 -31.24 0.29 -43.68
N ALA A 149 -31.41 1.49 -43.13
CA ALA A 149 -32.61 2.27 -43.39
C ALA A 149 -32.58 2.98 -44.74
N ILE A 150 -31.39 3.29 -45.23
CA ILE A 150 -31.28 3.99 -46.50
C ILE A 150 -30.89 3.05 -47.64
N LYS A 151 -30.74 1.77 -47.33
CA LYS A 151 -30.35 0.78 -48.33
C LYS A 151 -31.21 0.77 -49.59
N ASP A 152 -32.52 0.95 -49.42
CA ASP A 152 -33.46 0.96 -50.54
C ASP A 152 -33.56 2.33 -51.23
N SER A 153 -32.48 3.10 -51.22
CA SER A 153 -32.50 4.41 -51.85
C SER A 153 -31.23 4.71 -52.64
N GLU A 154 -31.13 5.95 -53.09
CA GLU A 154 -29.97 6.41 -53.87
C GLU A 154 -29.06 7.28 -53.02
N ILE A 155 -29.31 7.27 -51.71
CA ILE A 155 -28.53 8.04 -50.76
C ILE A 155 -27.21 7.29 -50.53
N GLU A 156 -26.10 7.98 -50.75
CA GLU A 156 -24.82 7.35 -50.56
C GLU A 156 -24.00 8.07 -49.48
N ILE A 157 -23.43 7.27 -48.58
CA ILE A 157 -22.60 7.78 -47.51
C ILE A 157 -21.20 7.87 -48.10
N VAL A 158 -20.68 9.09 -48.21
CA VAL A 158 -19.38 9.31 -48.81
C VAL A 158 -18.24 9.36 -47.81
N ASP A 159 -18.56 9.33 -46.53
CA ASP A 159 -17.54 9.37 -45.51
C ASP A 159 -18.01 9.09 -44.10
N ILE A 160 -17.13 8.50 -43.30
CA ILE A 160 -17.40 8.20 -41.90
C ILE A 160 -16.19 8.72 -41.15
N LEU A 161 -16.38 9.84 -40.47
CA LEU A 161 -15.32 10.52 -39.75
C LEU A 161 -15.36 10.29 -38.22
N ASN A 162 -14.23 9.82 -37.68
CA ASN A 162 -14.12 9.56 -36.25
C ASN A 162 -13.27 10.60 -35.53
N ASP A 163 -13.88 11.31 -34.59
CA ASP A 163 -13.21 12.37 -33.83
C ASP A 163 -12.80 11.98 -32.41
N GLU A 164 -12.98 10.71 -32.05
CA GLU A 164 -12.62 10.20 -30.74
C GLU A 164 -13.28 10.99 -29.61
N GLU A 165 -14.47 11.49 -29.87
CA GLU A 165 -15.23 12.27 -28.89
C GLU A 165 -14.49 13.52 -28.45
N ASP A 166 -14.07 14.30 -29.44
CA ASP A 166 -13.35 15.55 -29.23
C ASP A 166 -14.11 16.61 -30.02
N GLY A 167 -14.55 17.67 -29.34
CA GLY A 167 -15.31 18.71 -30.01
C GLY A 167 -14.63 19.43 -31.17
N ALA A 168 -13.43 19.95 -30.91
CA ALA A 168 -12.66 20.68 -31.91
C ALA A 168 -12.42 19.79 -33.11
N ARG A 169 -11.98 18.58 -32.82
CA ARG A 169 -11.70 17.58 -33.84
C ARG A 169 -12.97 17.29 -34.67
N ALA A 170 -14.12 17.19 -34.00
CA ALA A 170 -15.38 16.92 -34.71
C ALA A 170 -15.69 18.06 -35.67
N VAL A 171 -15.44 19.29 -35.23
CA VAL A 171 -15.69 20.46 -36.06
C VAL A 171 -14.77 20.52 -37.27
N SER A 172 -13.47 20.42 -37.05
CA SER A 172 -12.54 20.49 -38.16
C SER A 172 -12.70 19.35 -39.15
N LEU A 173 -13.08 18.17 -38.69
CA LEU A 173 -13.28 17.05 -39.61
C LEU A 173 -14.51 17.26 -40.49
N ALA A 174 -15.55 17.85 -39.92
CA ALA A 174 -16.80 18.12 -40.65
C ALA A 174 -16.58 19.30 -41.58
N GLU A 175 -15.71 20.20 -41.14
CA GLU A 175 -15.41 21.39 -41.91
C GLU A 175 -14.61 21.02 -43.16
N ALA A 176 -13.74 20.02 -43.03
CA ALA A 176 -12.91 19.56 -44.14
C ALA A 176 -13.77 18.71 -45.09
N ALA A 177 -14.66 17.90 -44.52
CA ALA A 177 -15.53 17.04 -45.32
C ALA A 177 -16.45 17.91 -46.17
N LEU A 178 -16.79 19.07 -45.64
CA LEU A 178 -17.65 19.97 -46.39
C LEU A 178 -16.88 20.51 -47.59
N ASN A 179 -15.57 20.74 -47.40
CA ASN A 179 -14.70 21.26 -48.46
C ASN A 179 -14.29 20.18 -49.48
N ALA A 180 -14.25 18.94 -49.02
CA ALA A 180 -13.89 17.83 -49.90
C ALA A 180 -15.10 17.40 -50.66
N HIS A 181 -16.28 17.77 -50.16
CA HIS A 181 -17.54 17.43 -50.80
C HIS A 181 -18.42 18.68 -50.88
N PRO A 182 -18.16 19.54 -51.88
CA PRO A 182 -18.97 20.76 -52.01
C PRO A 182 -20.37 20.40 -52.48
N ASP A 183 -20.56 19.15 -52.88
CA ASP A 183 -21.86 18.67 -53.34
C ASP A 183 -22.57 17.85 -52.26
N LEU A 184 -22.18 18.07 -51.00
CA LEU A 184 -22.77 17.35 -49.88
C LEU A 184 -24.21 17.75 -49.62
N ASP A 185 -25.06 16.75 -49.39
CA ASP A 185 -26.47 17.00 -49.11
C ASP A 185 -26.81 16.95 -47.62
N ALA A 186 -26.09 16.14 -46.85
CA ALA A 186 -26.37 16.00 -45.41
C ALA A 186 -25.27 15.41 -44.53
N PHE A 187 -25.44 15.65 -43.23
CA PHE A 187 -24.56 15.20 -42.18
C PHE A 187 -25.35 14.31 -41.24
N PHE A 188 -24.72 13.28 -40.70
CA PHE A 188 -25.38 12.39 -39.74
C PHE A 188 -24.46 12.29 -38.52
N GLY A 189 -24.91 12.87 -37.41
CA GLY A 189 -24.14 12.86 -36.19
C GLY A 189 -24.52 11.73 -35.26
N VAL A 190 -23.60 10.79 -35.08
CA VAL A 190 -23.85 9.64 -34.24
C VAL A 190 -23.74 9.89 -32.74
N TYR A 191 -22.81 10.75 -32.33
CA TYR A 191 -22.64 11.07 -30.91
C TYR A 191 -23.04 12.51 -30.62
N ALA A 192 -23.16 12.85 -29.36
CA ALA A 192 -23.55 14.19 -28.95
C ALA A 192 -22.66 15.33 -29.44
N TYR A 193 -21.37 15.05 -29.69
CA TYR A 193 -20.48 16.11 -30.18
C TYR A 193 -20.74 16.42 -31.64
N ASN A 194 -21.13 15.39 -32.39
CA ASN A 194 -21.33 15.49 -33.82
C ASN A 194 -22.43 16.38 -34.38
N GLY A 195 -23.63 16.30 -33.84
CA GLY A 195 -24.70 17.14 -34.35
C GLY A 195 -24.39 18.64 -34.28
N PRO A 196 -24.07 19.17 -33.08
CA PRO A 196 -23.78 20.60 -32.99
C PRO A 196 -22.48 21.03 -33.68
N ALA A 197 -21.59 20.07 -33.95
CA ALA A 197 -20.33 20.38 -34.62
C ALA A 197 -20.61 20.61 -36.10
N GLN A 198 -21.41 19.72 -36.67
CA GLN A 198 -21.82 19.80 -38.06
C GLN A 198 -22.73 20.99 -38.27
N ALA A 199 -23.46 21.36 -37.22
CA ALA A 199 -24.36 22.51 -37.28
C ALA A 199 -23.57 23.80 -37.39
N LEU A 200 -22.46 23.88 -36.64
CA LEU A 200 -21.61 25.06 -36.64
C LEU A 200 -20.92 25.18 -37.98
N VAL A 201 -20.54 24.03 -38.54
CA VAL A 201 -19.86 24.00 -39.83
C VAL A 201 -20.80 24.52 -40.91
N VAL A 202 -21.97 23.92 -41.00
CA VAL A 202 -22.97 24.31 -41.98
C VAL A 202 -23.36 25.80 -41.86
N LYS A 203 -23.52 26.28 -40.65
CA LYS A 203 -23.88 27.68 -40.43
C LYS A 203 -22.73 28.59 -40.91
N ASN A 204 -21.50 28.22 -40.55
CA ASN A 204 -20.32 28.97 -40.92
C ASN A 204 -20.07 29.06 -42.42
N ALA A 205 -20.69 28.17 -43.18
CA ALA A 205 -20.52 28.17 -44.62
C ALA A 205 -21.78 28.71 -45.31
N GLY A 206 -22.73 29.15 -44.50
CA GLY A 206 -23.97 29.66 -45.04
C GLY A 206 -24.77 28.63 -45.80
N LYS A 207 -24.95 27.45 -45.22
CA LYS A 207 -25.69 26.39 -45.88
C LYS A 207 -26.84 25.80 -45.06
N VAL A 208 -27.38 26.58 -44.14
CA VAL A 208 -28.50 26.10 -43.32
C VAL A 208 -29.68 25.80 -44.25
N GLY A 209 -30.17 24.56 -44.21
CA GLY A 209 -31.29 24.18 -45.05
C GLY A 209 -30.76 23.42 -46.26
N LYS A 210 -29.66 23.91 -46.82
CA LYS A 210 -29.05 23.28 -47.98
C LYS A 210 -28.48 21.92 -47.60
N VAL A 211 -27.70 21.88 -46.52
CA VAL A 211 -27.10 20.65 -46.03
C VAL A 211 -27.89 20.21 -44.81
N LYS A 212 -28.57 19.08 -44.92
CA LYS A 212 -29.38 18.56 -43.82
C LYS A 212 -28.54 17.96 -42.70
N ILE A 213 -29.09 17.98 -41.49
CA ILE A 213 -28.41 17.39 -40.33
C ILE A 213 -29.38 16.61 -39.45
N VAL A 214 -29.14 15.31 -39.34
CA VAL A 214 -29.91 14.43 -38.47
C VAL A 214 -28.88 13.88 -37.50
N CYS A 215 -29.09 14.10 -36.21
CA CYS A 215 -28.12 13.67 -35.21
C CYS A 215 -28.74 13.06 -33.96
N PHE A 216 -27.93 12.90 -32.93
CA PHE A 216 -28.37 12.32 -31.66
C PHE A 216 -28.29 13.30 -30.49
N ASP A 217 -29.11 13.04 -29.47
CA ASP A 217 -29.11 13.83 -28.23
C ASP A 217 -29.75 15.19 -28.24
N THR A 218 -30.04 15.68 -27.05
CA THR A 218 -30.72 16.94 -26.90
C THR A 218 -30.10 17.89 -25.89
N THR A 219 -28.78 17.98 -25.89
CA THR A 219 -28.09 18.89 -24.99
C THR A 219 -28.38 20.32 -25.47
N PRO A 220 -28.13 21.34 -24.62
CA PRO A 220 -28.40 22.72 -25.01
C PRO A 220 -27.95 23.16 -26.40
N ASP A 221 -26.67 23.01 -26.71
CA ASP A 221 -26.15 23.42 -28.01
C ASP A 221 -26.93 22.82 -29.18
N ILE A 222 -27.32 21.55 -29.06
CA ILE A 222 -28.07 20.89 -30.12
C ILE A 222 -29.45 21.53 -30.27
N LEU A 223 -30.20 21.57 -29.18
CA LEU A 223 -31.54 22.13 -29.16
C LEU A 223 -31.61 23.55 -29.70
N GLN A 224 -30.54 24.30 -29.48
CA GLN A 224 -30.47 25.67 -29.96
C GLN A 224 -30.36 25.66 -31.48
N TYR A 225 -29.70 24.65 -32.03
CA TYR A 225 -29.56 24.56 -33.48
C TYR A 225 -30.84 24.04 -34.10
N VAL A 226 -31.57 23.22 -33.35
CA VAL A 226 -32.82 22.68 -33.84
C VAL A 226 -33.80 23.84 -33.91
N LYS A 227 -33.67 24.75 -32.95
CA LYS A 227 -34.51 25.93 -32.85
C LYS A 227 -34.21 26.90 -34.01
N GLU A 228 -32.93 27.04 -34.34
CA GLU A 228 -32.50 27.93 -35.42
C GLU A 228 -32.81 27.31 -36.78
N GLY A 229 -33.18 26.03 -36.76
CA GLY A 229 -33.50 25.34 -38.00
C GLY A 229 -32.32 24.71 -38.70
N VAL A 230 -31.15 24.74 -38.08
CA VAL A 230 -29.95 24.15 -38.66
C VAL A 230 -30.00 22.63 -38.62
N ILE A 231 -30.62 22.09 -37.57
CA ILE A 231 -30.76 20.64 -37.40
C ILE A 231 -32.25 20.29 -37.54
N GLN A 232 -32.58 19.49 -38.54
CA GLN A 232 -33.98 19.11 -38.78
C GLN A 232 -34.49 18.03 -37.85
N ALA A 233 -33.60 17.18 -37.34
CA ALA A 233 -34.04 16.11 -36.46
C ALA A 233 -32.93 15.49 -35.62
N THR A 234 -33.20 15.28 -34.33
CA THR A 234 -32.21 14.67 -33.46
C THR A 234 -32.83 13.56 -32.61
N GLY A 236 -33.12 11.94 -29.46
CA GLY A 236 -32.85 12.17 -28.04
C GLY A 236 -32.92 10.94 -27.15
N GLN A 237 -31.94 10.80 -26.26
CA GLN A 237 -31.90 9.67 -25.35
C GLN A 237 -32.30 10.07 -23.93
N ARG A 238 -32.14 9.16 -22.99
CA ARG A 238 -32.49 9.42 -21.61
C ARG A 238 -31.29 9.06 -20.75
N PRO A 239 -30.18 9.84 -20.87
CA PRO A 239 -28.97 9.58 -20.09
C PRO A 239 -29.21 9.52 -18.59
N TYR A 240 -29.97 10.48 -18.09
CA TYR A 240 -30.27 10.54 -16.66
C TYR A 240 -30.80 9.19 -16.16
N GLY A 243 -28.35 6.42 -15.83
CA GLY A 243 -27.55 6.54 -14.63
C GLY A 243 -28.30 6.16 -13.38
N TYR A 244 -29.55 6.58 -13.29
CA TYR A 244 -30.37 6.29 -12.12
C TYR A 244 -30.70 4.80 -11.99
N LEU A 245 -31.04 4.17 -13.11
CA LEU A 245 -31.40 2.75 -13.06
C LEU A 245 -30.19 1.85 -12.88
N SER A 246 -29.01 2.32 -13.32
CA SER A 246 -27.79 1.54 -13.16
C SER A 246 -27.51 1.39 -11.68
N VAL A 247 -27.55 2.49 -10.95
CA VAL A 247 -27.29 2.46 -9.51
C VAL A 247 -28.35 1.57 -8.84
N THR A 248 -29.61 1.80 -9.19
CA THR A 248 -30.72 1.02 -8.67
C THR A 248 -30.53 -0.48 -8.88
N VAL A 249 -30.28 -0.88 -10.13
CA VAL A 249 -30.10 -2.29 -10.44
C VAL A 249 -28.96 -2.89 -9.62
N LEU A 250 -27.82 -2.22 -9.57
CA LEU A 250 -26.68 -2.73 -8.81
C LEU A 250 -26.99 -2.79 -7.31
N TYR A 251 -27.72 -1.80 -6.81
CA TYR A 251 -28.12 -1.77 -5.41
C TYR A 251 -28.90 -3.05 -5.10
N LEU A 252 -29.90 -3.33 -5.94
CA LEU A 252 -30.71 -4.51 -5.73
C LEU A 252 -29.89 -5.78 -5.76
N ASN A 254 -27.15 -6.30 -4.81
CA ASN A 254 -26.43 -6.44 -3.55
C ASN A 254 -27.41 -6.82 -2.46
N LYS A 255 -28.57 -6.16 -2.45
CA LYS A 255 -29.57 -6.42 -1.41
C LYS A 255 -30.35 -7.72 -1.56
N ILE A 256 -30.87 -7.98 -2.75
CA ILE A 256 -31.67 -9.16 -2.99
C ILE A 256 -31.01 -10.24 -3.85
N GLY A 257 -29.85 -9.95 -4.43
CA GLY A 257 -29.15 -10.92 -5.24
C GLY A 257 -29.35 -10.75 -6.73
N VAL A 258 -28.35 -11.17 -7.51
CA VAL A 258 -28.41 -11.05 -8.96
C VAL A 258 -29.64 -11.69 -9.60
N GLN A 259 -29.95 -12.92 -9.23
CA GLN A 259 -31.09 -13.62 -9.81
C GLN A 259 -32.42 -12.93 -9.54
N ASN A 260 -32.71 -12.65 -8.29
CA ASN A 260 -33.97 -12.00 -7.98
C ASN A 260 -34.09 -10.69 -8.71
N THR A 261 -32.98 -9.96 -8.86
CA THR A 261 -33.02 -8.68 -9.55
C THR A 261 -33.34 -8.89 -11.03
N LEU A 262 -32.75 -9.92 -11.63
CA LEU A 262 -33.01 -10.18 -13.05
C LEU A 262 -34.45 -10.63 -13.27
N LEU A 265 -36.64 -7.76 -14.44
CA LEU A 265 -36.26 -6.89 -15.54
C LEU A 265 -36.73 -7.45 -16.87
N PRO A 266 -36.84 -6.59 -17.89
CA PRO A 266 -37.30 -7.05 -19.21
C PRO A 266 -36.30 -8.02 -19.82
N LYS A 267 -36.78 -9.10 -20.43
CA LYS A 267 -35.87 -10.04 -21.08
C LYS A 267 -36.04 -10.10 -22.60
N VAL A 268 -34.95 -10.43 -23.29
CA VAL A 268 -34.94 -10.55 -24.74
C VAL A 268 -34.27 -11.85 -25.12
N LYS A 269 -34.39 -12.24 -26.39
CA LYS A 269 -33.75 -13.48 -26.85
C LYS A 269 -32.73 -13.24 -27.96
N VAL A 270 -31.49 -13.59 -27.65
CA VAL A 270 -30.39 -13.45 -28.60
C VAL A 270 -29.83 -14.84 -28.88
N ASP A 271 -29.92 -15.28 -30.14
CA ASP A 271 -29.42 -16.59 -30.56
C ASP A 271 -30.08 -17.71 -29.74
N GLY A 272 -31.36 -17.54 -29.44
CA GLY A 272 -32.07 -18.56 -28.67
C GLY A 272 -31.77 -18.51 -27.19
N LYS A 273 -31.03 -17.48 -26.76
CA LYS A 273 -30.72 -17.34 -25.34
C LYS A 273 -31.28 -16.06 -24.71
N VAL A 274 -31.55 -16.15 -23.42
CA VAL A 274 -32.12 -15.05 -22.64
C VAL A 274 -31.09 -14.01 -22.21
N ASP A 275 -31.42 -12.74 -22.46
CA ASP A 275 -30.54 -11.66 -22.04
C ASP A 275 -31.42 -10.67 -21.30
N TYR A 276 -30.82 -9.64 -20.70
CA TYR A 276 -31.61 -8.66 -19.98
C TYR A 276 -31.32 -7.25 -20.46
N VAL A 277 -32.36 -6.55 -20.87
CA VAL A 277 -32.22 -5.21 -21.41
C VAL A 277 -33.30 -4.24 -20.96
N ILE A 278 -32.88 -3.11 -20.40
CA ILE A 278 -33.81 -2.07 -20.01
C ILE A 278 -33.62 -1.02 -21.09
N ASP A 279 -34.64 -0.82 -21.91
CA ASP A 279 -34.57 0.15 -23.00
C ASP A 279 -35.05 1.51 -22.52
N THR A 280 -34.15 2.49 -22.45
CA THR A 280 -34.56 3.81 -21.95
C THR A 280 -35.26 4.72 -22.93
N GLY A 281 -35.51 4.24 -24.14
CA GLY A 281 -36.24 5.03 -25.11
C GLY A 281 -35.59 6.24 -25.75
N VAL A 282 -36.15 6.63 -26.89
CA VAL A 282 -35.66 7.78 -27.62
C VAL A 282 -36.82 8.74 -27.85
N ASP A 283 -36.50 10.04 -27.90
CA ASP A 283 -37.47 11.08 -28.18
C ASP A 283 -36.99 11.72 -29.49
N VAL A 284 -37.78 11.59 -30.55
CA VAL A 284 -37.41 12.17 -31.83
C VAL A 284 -37.77 13.65 -31.76
N VAL A 285 -36.75 14.51 -31.72
CA VAL A 285 -36.99 15.95 -31.63
C VAL A 285 -36.67 16.66 -32.94
N THR A 286 -37.60 17.51 -33.38
CA THR A 286 -37.48 18.28 -34.62
C THR A 286 -37.85 19.72 -34.27
N PRO A 287 -37.70 20.66 -35.22
CA PRO A 287 -38.06 22.05 -34.90
C PRO A 287 -39.56 22.18 -34.64
N GLU A 288 -40.35 21.30 -35.23
CA GLU A 288 -41.80 21.35 -35.06
C GLU A 288 -42.31 20.88 -33.71
N ASN A 289 -41.64 19.89 -33.10
CA ASN A 289 -42.09 19.40 -31.81
C ASN A 289 -41.18 19.80 -30.64
N LEU A 290 -40.24 20.70 -30.87
CA LEU A 290 -39.33 21.13 -29.82
C LEU A 290 -40.05 21.58 -28.55
N ASP A 291 -41.02 22.48 -28.71
CA ASP A 291 -41.77 23.01 -27.57
C ASP A 291 -42.48 21.96 -26.74
N GLU A 292 -42.99 20.92 -27.39
CA GLU A 292 -43.67 19.83 -26.70
C GLU A 292 -42.64 19.02 -25.92
N TYR A 293 -41.43 18.98 -26.47
CA TYR A 293 -40.34 18.25 -25.86
C TYR A 293 -39.89 18.91 -24.55
N LEU A 294 -39.79 20.23 -24.54
CA LEU A 294 -39.38 20.93 -23.32
C LEU A 294 -40.46 20.79 -22.28
N LYS A 295 -41.69 20.61 -22.75
CA LYS A 295 -42.84 20.46 -21.86
C LYS A 295 -42.82 19.05 -21.28
N LYS A 296 -42.70 18.05 -22.17
CA LYS A 296 -42.66 16.65 -21.79
C LYS A 296 -41.56 16.32 -20.79
N GLU A 298 -39.83 18.39 -18.55
CA GLU A 298 -40.03 18.98 -17.23
C GLU A 298 -41.16 18.29 -16.49
N GLU A 299 -42.12 17.79 -17.28
CA GLU A 299 -43.28 17.10 -16.76
C GLU A 299 -42.88 15.74 -16.19
N LEU A 300 -41.86 15.13 -16.80
CA LEU A 300 -41.36 13.83 -16.35
C LEU A 300 -40.39 13.95 -15.15
N GLY A 301 -39.99 15.17 -14.81
CA GLY A 301 -39.09 15.33 -13.68
C GLY A 301 -37.67 15.73 -14.01
N ILE A 302 -37.35 15.78 -15.30
CA ILE A 302 -36.00 16.16 -15.74
C ILE A 302 -36.10 17.39 -16.67
N PRO A 303 -36.45 18.56 -16.12
CA PRO A 303 -36.60 19.82 -16.87
C PRO A 303 -35.41 20.41 -17.64
N ILE A 304 -35.75 21.25 -18.62
CA ILE A 304 -34.81 21.96 -19.47
C ILE A 304 -33.91 21.07 -20.35
N LEU B 3 -16.21 14.45 5.17
CA LEU B 3 -15.48 15.22 4.13
C LEU B 3 -14.03 14.78 3.91
N THR B 4 -13.63 14.78 2.63
CA THR B 4 -12.27 14.39 2.23
C THR B 4 -11.61 15.41 1.31
N ILE B 5 -10.41 15.82 1.68
CA ILE B 5 -9.64 16.79 0.92
C ILE B 5 -8.41 16.14 0.31
N GLY B 6 -8.19 16.35 -0.97
CA GLY B 6 -7.04 15.77 -1.63
C GLY B 6 -5.97 16.79 -2.00
N VAL B 7 -4.72 16.50 -1.69
CA VAL B 7 -3.62 17.42 -1.96
C VAL B 7 -2.56 16.75 -2.85
N ILE B 8 -2.14 17.45 -3.90
CA ILE B 8 -1.12 16.92 -4.81
C ILE B 8 0.14 17.80 -4.85
N GLY B 9 1.26 17.20 -4.44
CA GLY B 9 2.55 17.88 -4.44
C GLY B 9 3.37 17.63 -5.69
N LYS B 10 4.64 18.04 -5.67
CA LYS B 10 5.48 17.88 -6.84
C LYS B 10 6.64 16.87 -6.73
N SER B 11 7.07 16.54 -5.51
CA SER B 11 8.15 15.56 -5.37
C SER B 11 8.35 15.11 -3.92
N VAL B 12 9.18 14.09 -3.71
CA VAL B 12 9.39 13.56 -2.36
C VAL B 12 10.32 14.34 -1.44
N HIS B 13 10.75 15.52 -1.85
CA HIS B 13 11.65 16.32 -1.01
C HIS B 13 11.05 16.60 0.38
N PRO B 14 11.92 16.74 1.41
CA PRO B 14 11.42 17.02 2.76
C PRO B 14 10.55 18.28 2.81
N TYR B 15 10.69 19.11 1.79
CA TYR B 15 9.89 20.33 1.69
C TYR B 15 8.42 19.94 1.62
N TRP B 16 8.12 18.87 0.91
CA TRP B 16 6.74 18.45 0.79
C TRP B 16 6.24 17.73 2.02
N SER B 17 7.15 17.23 2.83
CA SER B 17 6.76 16.56 4.07
C SER B 17 6.21 17.66 4.97
N GLN B 18 6.84 18.84 4.91
CA GLN B 18 6.42 19.98 5.70
C GLN B 18 5.00 20.33 5.25
N VAL B 19 4.79 20.40 3.93
CA VAL B 19 3.47 20.71 3.39
C VAL B 19 2.45 19.71 3.92
N GLU B 20 2.82 18.44 3.91
CA GLU B 20 1.94 17.36 4.38
C GLU B 20 1.62 17.45 5.87
N GLN B 21 2.59 17.87 6.67
CA GLN B 21 2.33 18.00 8.10
C GLN B 21 1.24 19.04 8.30
N GLY B 22 1.27 20.08 7.46
CA GLY B 22 0.27 21.13 7.56
C GLY B 22 -1.08 20.56 7.18
N VAL B 23 -1.08 19.82 6.07
CA VAL B 23 -2.28 19.19 5.58
C VAL B 23 -2.89 18.26 6.61
N LYS B 24 -2.06 17.51 7.34
CA LYS B 24 -2.56 16.58 8.35
C LYS B 24 -3.02 17.32 9.61
N ALA B 25 -2.30 18.37 9.97
CA ALA B 25 -2.64 19.17 11.15
C ALA B 25 -3.98 19.86 10.96
N ALA B 26 -4.20 20.42 9.77
CA ALA B 26 -5.44 21.11 9.49
C ALA B 26 -6.60 20.13 9.47
N GLY B 27 -6.39 19.01 8.80
CA GLY B 27 -7.44 18.01 8.75
C GLY B 27 -7.86 17.58 10.15
N LYS B 28 -6.87 17.28 10.99
CA LYS B 28 -7.12 16.85 12.36
C LYS B 28 -7.88 17.90 13.18
N ALA B 29 -7.51 19.16 13.03
CA ALA B 29 -8.15 20.23 13.78
C ALA B 29 -9.56 20.50 13.29
N LEU B 30 -9.79 20.24 12.01
CA LEU B 30 -11.10 20.49 11.41
C LEU B 30 -11.98 19.26 11.30
N GLY B 31 -11.44 18.09 11.57
CA GLY B 31 -12.25 16.87 11.48
C GLY B 31 -12.43 16.44 10.04
N VAL B 32 -11.40 16.64 9.23
CA VAL B 32 -11.43 16.29 7.82
C VAL B 32 -10.37 15.26 7.42
N ASP B 33 -10.74 14.33 6.54
CA ASP B 33 -9.79 13.34 6.06
C ASP B 33 -8.98 13.99 4.94
N THR B 34 -7.70 13.67 4.87
CA THR B 34 -6.86 14.22 3.83
C THR B 34 -6.09 13.15 3.08
N LYS B 35 -6.04 13.28 1.76
CA LYS B 35 -5.30 12.36 0.90
C LYS B 35 -4.11 13.17 0.39
N PHE B 36 -2.92 12.62 0.48
CA PHE B 36 -1.74 13.36 0.04
C PHE B 36 -0.93 12.56 -0.98
N PHE B 37 -0.53 13.21 -2.07
CA PHE B 37 0.29 12.57 -3.10
C PHE B 37 1.45 13.40 -3.66
N VAL B 38 2.60 12.76 -3.82
CA VAL B 38 3.78 13.35 -4.42
C VAL B 38 4.52 12.25 -5.15
N PRO B 39 4.88 12.48 -6.43
CA PRO B 39 5.59 11.47 -7.19
C PRO B 39 7.06 11.54 -6.74
N GLN B 40 7.89 10.56 -7.11
CA GLN B 40 9.30 10.57 -6.69
C GLN B 40 10.02 11.84 -7.13
N LYS B 41 9.81 12.22 -8.38
CA LYS B 41 10.43 13.42 -8.91
C LYS B 41 9.36 14.07 -9.76
N GLU B 42 9.68 15.14 -10.48
CA GLU B 42 8.69 15.79 -11.31
C GLU B 42 8.05 14.77 -12.23
N ASP B 43 6.72 14.74 -12.24
CA ASP B 43 5.99 13.77 -13.05
C ASP B 43 4.58 14.30 -13.31
N ILE B 44 4.46 15.10 -14.36
CA ILE B 44 3.20 15.72 -14.71
C ILE B 44 2.09 14.70 -14.94
N ASN B 45 2.44 13.59 -15.58
CA ASN B 45 1.45 12.56 -15.86
C ASN B 45 0.92 11.92 -14.61
N ALA B 46 1.78 11.75 -13.60
CA ALA B 46 1.34 11.17 -12.35
C ALA B 46 0.39 12.17 -11.65
N GLN B 47 0.71 13.46 -11.69
CA GLN B 47 -0.13 14.48 -11.06
C GLN B 47 -1.53 14.44 -11.68
N LEU B 48 -1.57 14.36 -13.00
CA LEU B 48 -2.83 14.29 -13.74
C LEU B 48 -3.63 13.01 -13.45
N GLN B 49 -2.94 11.89 -13.35
CA GLN B 49 -3.59 10.61 -13.06
C GLN B 49 -4.16 10.64 -11.65
N LEU B 51 -4.96 13.27 -10.03
CA LEU B 51 -6.02 14.25 -10.01
C LEU B 51 -7.31 13.60 -10.50
N GLU B 52 -7.21 12.83 -11.59
CA GLU B 52 -8.36 12.14 -12.14
C GLU B 52 -8.96 11.16 -11.12
N SER B 53 -8.12 10.50 -10.33
CA SER B 53 -8.67 9.56 -9.35
C SER B 53 -9.35 10.25 -8.16
N PHE B 54 -8.80 11.37 -7.70
CA PHE B 54 -9.42 12.10 -6.60
C PHE B 54 -10.79 12.57 -7.07
N ILE B 55 -10.88 12.99 -8.33
CA ILE B 55 -12.16 13.45 -8.85
C ILE B 55 -13.15 12.29 -8.89
N ALA B 56 -12.72 11.15 -9.41
CA ALA B 56 -13.56 9.97 -9.50
C ALA B 56 -13.99 9.49 -8.11
N GLU B 57 -13.07 9.57 -7.14
CA GLU B 57 -13.36 9.16 -5.76
C GLU B 57 -14.25 10.18 -5.04
N GLY B 58 -14.62 11.23 -5.76
CA GLY B 58 -15.49 12.23 -5.20
C GLY B 58 -15.06 12.99 -3.97
N VAL B 59 -13.81 13.46 -3.93
CA VAL B 59 -13.35 14.24 -2.80
C VAL B 59 -14.11 15.55 -2.82
N ASN B 60 -14.12 16.24 -1.69
CA ASN B 60 -14.85 17.48 -1.58
C ASN B 60 -13.96 18.69 -1.80
N GLY B 61 -12.70 18.45 -2.12
CA GLY B 61 -11.81 19.57 -2.36
C GLY B 61 -10.46 19.11 -2.81
N ILE B 62 -9.84 19.90 -3.66
CA ILE B 62 -8.52 19.59 -4.17
C ILE B 62 -7.58 20.79 -4.16
N ALA B 63 -6.37 20.56 -3.67
CA ALA B 63 -5.33 21.57 -3.63
C ALA B 63 -4.19 20.99 -4.45
N ILE B 64 -3.81 21.66 -5.53
CA ILE B 64 -2.73 21.12 -6.37
C ILE B 64 -1.60 22.11 -6.68
N ALA B 65 -0.39 21.57 -6.76
CA ALA B 65 0.80 22.32 -7.11
C ALA B 65 1.25 21.76 -8.46
N PRO B 66 0.58 22.16 -9.56
CA PRO B 66 0.92 21.67 -10.90
C PRO B 66 2.31 21.91 -11.42
N SER B 67 2.97 20.83 -11.83
CA SER B 67 4.30 20.94 -12.40
C SER B 67 4.20 21.53 -13.81
N ASP B 68 2.97 21.66 -14.30
CA ASP B 68 2.69 22.25 -15.61
C ASP B 68 1.32 22.92 -15.52
N PRO B 69 1.28 24.26 -15.48
CA PRO B 69 0.04 25.02 -15.39
C PRO B 69 -1.00 24.84 -16.48
N THR B 70 -0.54 24.58 -17.70
CA THR B 70 -1.47 24.41 -18.82
C THR B 70 -2.01 23.00 -18.93
N ALA B 71 -1.15 22.02 -18.71
CA ALA B 71 -1.54 20.61 -18.79
C ALA B 71 -2.69 20.22 -17.85
N VAL B 72 -2.83 20.93 -16.73
CA VAL B 72 -3.88 20.59 -15.78
C VAL B 72 -5.21 21.30 -15.96
N ILE B 73 -5.29 22.24 -16.88
CA ILE B 73 -6.54 22.99 -17.05
C ILE B 73 -7.82 22.18 -17.32
N PRO B 74 -7.81 21.31 -18.35
CA PRO B 74 -9.03 20.53 -18.64
C PRO B 74 -9.53 19.73 -17.45
N THR B 75 -8.61 19.07 -16.73
CA THR B 75 -9.02 18.28 -15.59
C THR B 75 -9.50 19.11 -14.39
N ILE B 76 -8.83 20.22 -14.11
CA ILE B 76 -9.27 21.08 -13.00
C ILE B 76 -10.68 21.60 -13.33
N LYS B 77 -10.88 21.93 -14.61
CA LYS B 77 -12.18 22.42 -15.09
C LYS B 77 -13.25 21.35 -14.87
N LYS B 78 -12.87 20.09 -15.14
CA LYS B 78 -13.79 18.98 -14.97
C LYS B 78 -14.16 18.82 -13.49
N ALA B 79 -13.16 18.97 -12.63
CA ALA B 79 -13.36 18.88 -11.19
C ALA B 79 -14.38 19.92 -10.74
N LEU B 80 -14.16 21.16 -11.17
CA LEU B 80 -15.03 22.28 -10.84
C LEU B 80 -16.43 22.07 -11.40
N GLU B 81 -16.51 21.51 -12.60
CA GLU B 81 -17.79 21.26 -13.23
C GLU B 81 -18.58 20.30 -12.34
N GLY B 83 -18.52 20.08 -9.19
CA GLY B 83 -18.71 20.62 -7.85
C GLY B 83 -17.63 20.44 -6.81
N ILE B 84 -16.41 20.14 -7.25
CA ILE B 84 -15.30 19.96 -6.33
C ILE B 84 -14.40 21.20 -6.38
N PRO B 85 -14.44 22.02 -5.34
CA PRO B 85 -13.60 23.22 -5.32
C PRO B 85 -12.11 22.91 -5.50
N VAL B 86 -11.40 23.78 -6.19
CA VAL B 86 -9.98 23.58 -6.44
C VAL B 86 -9.18 24.84 -6.14
N VAL B 87 -8.04 24.65 -5.49
CA VAL B 87 -7.13 25.76 -5.20
C VAL B 87 -5.74 25.26 -5.56
N THR B 88 -4.80 26.18 -5.74
CA THR B 88 -3.44 25.78 -6.05
C THR B 88 -2.56 26.21 -4.89
N LEU B 89 -1.42 25.55 -4.75
CA LEU B 89 -0.49 25.90 -3.68
C LEU B 89 0.92 25.70 -4.21
N ASP B 90 1.88 26.44 -3.65
CA ASP B 90 3.30 26.32 -4.03
C ASP B 90 3.68 26.85 -5.42
N THR B 91 2.81 26.61 -6.40
CA THR B 91 3.01 27.08 -7.77
C THR B 91 1.62 27.14 -8.38
N ASP B 92 1.36 28.18 -9.17
CA ASP B 92 0.04 28.42 -9.73
C ASP B 92 -0.33 27.92 -11.15
N SER B 93 -1.59 28.16 -11.50
CA SER B 93 -2.22 27.82 -12.79
C SER B 93 -3.40 28.79 -12.89
N PRO B 94 -3.11 30.09 -13.02
CA PRO B 94 -4.03 31.22 -13.12
C PRO B 94 -5.22 31.11 -14.06
N ASP B 95 -5.19 30.20 -15.02
CA ASP B 95 -6.31 30.10 -15.94
C ASP B 95 -7.08 28.79 -15.83
N SER B 96 -6.72 27.98 -14.85
CA SER B 96 -7.36 26.69 -14.64
C SER B 96 -8.78 26.86 -14.13
N GLY B 97 -9.03 28.00 -13.49
CA GLY B 97 -10.34 28.24 -12.93
C GLY B 97 -10.28 28.08 -11.42
N ARG B 98 -9.10 27.72 -10.90
CA ARG B 98 -8.93 27.53 -9.46
C ARG B 98 -9.30 28.82 -8.76
N TYR B 99 -9.96 28.69 -7.62
CA TYR B 99 -10.43 29.83 -6.86
C TYR B 99 -9.37 30.64 -6.12
N VAL B 100 -8.36 29.97 -5.60
CA VAL B 100 -7.34 30.67 -4.82
C VAL B 100 -5.95 30.09 -4.99
N TYR B 101 -4.93 30.95 -4.97
CA TYR B 101 -3.55 30.50 -5.02
C TYR B 101 -2.99 30.73 -3.61
N ILE B 102 -2.39 29.71 -3.03
CA ILE B 102 -1.84 29.79 -1.68
C ILE B 102 -0.36 29.50 -1.70
N GLY B 103 0.47 30.52 -1.49
CA GLY B 103 1.90 30.27 -1.51
C GLY B 103 2.79 31.51 -1.51
N THR B 104 4.03 31.33 -1.95
CA THR B 104 5.01 32.39 -2.03
C THR B 104 4.74 33.27 -3.24
N ASP B 105 5.14 34.54 -3.18
CA ASP B 105 4.99 35.39 -4.35
C ASP B 105 6.26 35.02 -5.09
N ASN B 106 6.15 34.07 -6.00
CA ASN B 106 7.31 33.56 -6.73
C ASN B 106 8.10 34.55 -7.56
N TYR B 107 7.41 35.44 -8.27
CA TYR B 107 8.13 36.43 -9.08
C TYR B 107 8.97 37.34 -8.20
N GLN B 108 8.32 37.95 -7.21
CA GLN B 108 9.00 38.89 -6.32
C GLN B 108 10.08 38.25 -5.46
N ALA B 109 9.90 37.00 -5.07
CA ALA B 109 10.90 36.33 -4.26
C ALA B 109 12.14 36.16 -5.13
N GLY B 110 11.93 36.08 -6.44
CA GLY B 110 13.02 35.91 -7.36
C GLY B 110 13.77 37.23 -7.55
N TYR B 111 13.00 38.31 -7.59
CA TYR B 111 13.56 39.65 -7.74
C TYR B 111 14.45 39.90 -6.54
N THR B 112 13.91 39.63 -5.36
CA THR B 112 14.65 39.82 -4.12
C THR B 112 15.91 38.98 -4.11
N ALA B 113 15.84 37.80 -4.71
CA ALA B 113 16.99 36.91 -4.76
C ALA B 113 18.04 37.51 -5.69
N GLY B 114 17.56 38.10 -6.77
CA GLY B 114 18.46 38.71 -7.73
C GLY B 114 19.19 39.92 -7.17
N LEU B 115 18.47 40.73 -6.39
CA LEU B 115 19.04 41.92 -5.78
C LEU B 115 20.10 41.53 -4.74
N ILE B 116 19.91 40.40 -4.06
CA ILE B 116 20.89 39.97 -3.06
C ILE B 116 22.19 39.49 -3.73
N LYS B 118 23.27 40.41 -6.78
CA LYS B 118 23.78 41.64 -7.35
C LYS B 118 24.68 42.39 -6.36
N GLU B 119 24.32 42.30 -5.09
CA GLU B 119 25.08 42.95 -4.02
C GLU B 119 26.33 42.11 -3.73
N LEU B 120 26.13 40.81 -3.56
CA LEU B 120 27.22 39.88 -3.27
C LEU B 120 28.34 39.80 -4.31
N LEU B 121 27.99 40.00 -5.58
CA LEU B 121 28.95 39.95 -6.68
C LEU B 121 29.40 41.30 -7.23
N GLY B 122 28.96 42.38 -6.60
CA GLY B 122 29.34 43.70 -7.07
C GLY B 122 28.85 44.00 -8.47
N GLY B 123 27.72 43.41 -8.85
CA GLY B 123 27.17 43.65 -10.17
C GLY B 123 27.93 42.97 -11.30
N LYS B 124 28.73 41.96 -10.98
CA LYS B 124 29.49 41.28 -12.02
C LYS B 124 29.96 39.88 -11.64
N GLY B 125 30.00 39.00 -12.63
CA GLY B 125 30.42 37.63 -12.42
C GLY B 125 29.63 36.62 -13.23
N LYS B 126 30.03 35.36 -13.15
CA LYS B 126 29.36 34.29 -13.87
C LYS B 126 28.46 33.51 -12.91
N VAL B 127 27.19 33.36 -13.28
CA VAL B 127 26.24 32.64 -12.45
C VAL B 127 25.56 31.49 -13.18
N VAL B 128 25.39 30.37 -12.49
CA VAL B 128 24.70 29.21 -13.07
C VAL B 128 23.49 28.84 -12.21
N ILE B 129 22.31 28.98 -12.80
CA ILE B 129 21.04 28.67 -12.14
C ILE B 129 20.75 27.16 -12.09
N GLY B 130 20.30 26.69 -10.93
CA GLY B 130 19.95 25.28 -10.76
C GLY B 130 18.49 25.14 -10.35
N THR B 131 17.68 24.53 -11.21
CA THR B 131 16.25 24.36 -10.91
C THR B 131 15.75 22.92 -11.13
N GLY B 132 14.49 22.68 -10.76
CA GLY B 132 13.92 21.35 -10.91
C GLY B 132 12.75 21.31 -11.87
N SER B 133 12.59 22.35 -12.67
CA SER B 133 11.53 22.42 -13.64
C SER B 133 11.60 23.63 -14.55
N LEU B 134 11.12 23.48 -15.77
CA LEU B 134 11.11 24.58 -16.73
C LEU B 134 9.67 24.71 -17.25
N THR B 135 8.73 24.15 -16.49
CA THR B 135 7.32 24.23 -16.84
C THR B 135 6.53 24.78 -15.67
N ALA B 136 6.90 24.34 -14.46
CA ALA B 136 6.21 24.80 -13.26
C ALA B 136 6.31 26.32 -13.16
N ASN B 138 6.14 28.35 -10.68
CA ASN B 138 6.92 28.93 -9.60
C ASN B 138 8.41 29.00 -9.97
N SER B 139 8.89 28.02 -10.75
CA SER B 139 10.29 28.03 -11.15
C SER B 139 10.56 29.13 -12.19
N LEU B 140 9.65 29.26 -13.16
CA LEU B 140 9.78 30.27 -14.21
C LEU B 140 9.66 31.67 -13.64
N GLN B 141 8.82 31.86 -12.62
CA GLN B 141 8.65 33.18 -12.02
C GLN B 141 9.86 33.54 -11.19
N ARG B 142 10.37 32.59 -10.41
CA ARG B 142 11.55 32.84 -9.58
C ARG B 142 12.73 33.15 -10.48
N ILE B 143 12.84 32.43 -11.58
CA ILE B 143 13.92 32.63 -12.54
C ILE B 143 13.78 33.98 -13.24
N GLN B 144 12.60 34.24 -13.83
CA GLN B 144 12.38 35.49 -14.53
C GLN B 144 12.61 36.69 -13.62
N GLY B 145 12.39 36.47 -12.32
CA GLY B 145 12.59 37.54 -11.33
C GLY B 145 14.06 37.80 -11.10
N PHE B 146 14.84 36.72 -11.01
CA PHE B 146 16.28 36.84 -10.80
C PHE B 146 16.87 37.61 -11.98
N LYS B 147 16.41 37.27 -13.18
CA LYS B 147 16.86 37.94 -14.39
C LYS B 147 16.52 39.43 -14.38
N ASP B 148 15.29 39.75 -14.03
CA ASP B 148 14.83 41.13 -14.00
C ASP B 148 15.55 42.00 -12.96
N ALA B 149 16.05 41.38 -11.90
CA ALA B 149 16.74 42.10 -10.83
C ALA B 149 18.18 42.48 -11.16
N ILE B 150 18.86 41.60 -11.90
CA ILE B 150 20.24 41.84 -12.26
C ILE B 150 20.37 42.32 -13.70
N LYS B 151 19.24 42.68 -14.31
CA LYS B 151 19.22 43.12 -15.70
C LYS B 151 20.22 44.21 -16.05
N ASP B 152 20.29 45.25 -15.21
CA ASP B 152 21.18 46.36 -15.45
C ASP B 152 22.53 46.23 -14.74
N SER B 153 23.12 45.04 -14.79
CA SER B 153 24.42 44.80 -14.17
C SER B 153 25.30 44.03 -15.15
N GLU B 154 26.53 43.78 -14.75
CA GLU B 154 27.46 43.06 -15.61
C GLU B 154 27.38 41.56 -15.33
N ILE B 155 26.59 41.18 -14.33
CA ILE B 155 26.45 39.77 -14.00
C ILE B 155 25.82 39.04 -15.17
N GLU B 156 26.25 37.80 -15.39
CA GLU B 156 25.73 37.00 -16.49
C GLU B 156 25.45 35.57 -16.06
N ILE B 157 24.42 34.99 -16.67
CA ILE B 157 24.02 33.61 -16.39
C ILE B 157 24.59 32.74 -17.50
N VAL B 158 25.48 31.83 -17.15
CA VAL B 158 26.08 30.95 -18.16
C VAL B 158 25.35 29.64 -18.35
N ASP B 159 24.49 29.29 -17.39
CA ASP B 159 23.74 28.05 -17.49
C ASP B 159 22.50 27.94 -16.62
N ILE B 160 21.49 27.27 -17.15
CA ILE B 160 20.23 27.04 -16.45
C ILE B 160 19.98 25.53 -16.49
N LEU B 161 20.54 24.82 -15.52
CA LEU B 161 20.43 23.36 -15.44
C LEU B 161 19.18 22.84 -14.72
N ASN B 162 18.42 21.98 -15.42
CA ASN B 162 17.18 21.38 -14.92
C ASN B 162 17.38 19.94 -14.45
N ASP B 163 17.10 19.66 -13.18
CA ASP B 163 17.28 18.30 -12.66
C ASP B 163 15.96 17.52 -12.43
N GLU B 164 14.85 18.13 -12.83
CA GLU B 164 13.53 17.51 -12.68
C GLU B 164 13.28 17.06 -11.24
N GLU B 165 13.74 17.86 -10.29
CA GLU B 165 13.60 17.58 -8.87
C GLU B 165 14.16 16.23 -8.43
N ASP B 166 15.44 16.02 -8.73
CA ASP B 166 16.15 14.80 -8.38
C ASP B 166 17.44 15.21 -7.67
N GLY B 167 17.66 14.68 -6.47
CA GLY B 167 18.86 15.03 -5.73
C GLY B 167 20.16 14.77 -6.48
N ALA B 168 20.45 13.52 -6.79
CA ALA B 168 21.69 13.15 -7.49
C ALA B 168 21.91 13.94 -8.76
N ARG B 169 20.84 14.22 -9.49
CA ARG B 169 20.93 14.98 -10.73
C ARG B 169 21.26 16.44 -10.45
N ALA B 170 20.83 16.93 -9.29
CA ALA B 170 21.11 18.30 -8.91
C ALA B 170 22.61 18.42 -8.66
N VAL B 171 23.17 17.39 -8.02
CA VAL B 171 24.59 17.33 -7.71
C VAL B 171 25.43 17.20 -8.98
N SER B 172 25.28 16.08 -9.68
CA SER B 172 26.06 15.83 -10.90
C SER B 172 25.95 16.94 -11.95
N LEU B 173 24.85 17.70 -11.93
CA LEU B 173 24.70 18.78 -12.89
C LEU B 173 25.48 20.00 -12.41
N ALA B 174 25.61 20.12 -11.09
CA ALA B 174 26.33 21.25 -10.51
C ALA B 174 27.81 21.06 -10.77
N GLU B 175 28.37 19.99 -10.21
CA GLU B 175 29.79 19.72 -10.38
C GLU B 175 30.23 19.54 -11.83
N ALA B 176 29.27 19.56 -12.75
CA ALA B 176 29.58 19.43 -14.17
C ALA B 176 29.45 20.82 -14.77
N ALA B 177 29.45 21.82 -13.90
CA ALA B 177 29.34 23.21 -14.32
C ALA B 177 30.50 23.94 -13.66
N LEU B 178 31.01 23.33 -12.60
CA LEU B 178 32.13 23.88 -11.84
C LEU B 178 33.44 23.35 -12.41
N ASN B 179 33.33 22.39 -13.32
CA ASN B 179 34.50 21.80 -13.97
C ASN B 179 34.42 22.10 -15.45
N ALA B 180 33.55 23.05 -15.78
CA ALA B 180 33.36 23.50 -17.15
C ALA B 180 33.40 25.00 -17.00
N HIS B 181 33.45 25.42 -15.73
CA HIS B 181 33.50 26.82 -15.35
C HIS B 181 34.12 26.90 -13.94
N PRO B 182 35.40 26.51 -13.78
CA PRO B 182 36.04 26.58 -12.46
C PRO B 182 36.17 28.04 -11.99
N ASP B 183 35.86 28.94 -12.92
CA ASP B 183 35.91 30.38 -12.71
C ASP B 183 34.49 30.85 -12.39
N LEU B 184 33.67 29.92 -11.91
CA LEU B 184 32.28 30.23 -11.58
C LEU B 184 32.17 31.14 -10.36
N ASP B 185 31.51 32.29 -10.55
CA ASP B 185 31.32 33.24 -9.47
C ASP B 185 30.23 32.80 -8.48
N ALA B 186 29.08 32.40 -9.00
CA ALA B 186 27.97 31.99 -8.12
C ALA B 186 27.00 30.92 -8.63
N PHE B 187 26.33 30.28 -7.68
CA PHE B 187 25.32 29.25 -7.92
C PHE B 187 23.97 29.78 -7.41
N PHE B 188 22.91 29.68 -8.22
CA PHE B 188 21.58 30.12 -7.78
C PHE B 188 20.60 28.94 -7.84
N GLY B 189 20.21 28.46 -6.67
CA GLY B 189 19.28 27.35 -6.57
C GLY B 189 17.82 27.76 -6.46
N VAL B 190 17.01 27.38 -7.44
CA VAL B 190 15.60 27.73 -7.45
C VAL B 190 14.72 26.85 -6.56
N TYR B 191 14.98 25.54 -6.55
CA TYR B 191 14.21 24.60 -5.73
C TYR B 191 15.02 24.10 -4.53
N ALA B 192 14.35 23.42 -3.60
CA ALA B 192 15.01 22.94 -2.39
C ALA B 192 16.17 21.96 -2.65
N TYR B 193 16.08 21.18 -3.72
CA TYR B 193 17.13 20.21 -4.03
C TYR B 193 18.43 20.89 -4.42
N ASN B 194 18.32 21.99 -5.15
CA ASN B 194 19.46 22.72 -5.65
C ASN B 194 20.44 23.29 -4.62
N GLY B 195 19.95 24.06 -3.67
CA GLY B 195 20.82 24.66 -2.67
C GLY B 195 21.86 23.72 -2.09
N PRO B 196 21.44 22.64 -1.41
CA PRO B 196 22.34 21.65 -0.80
C PRO B 196 23.27 20.99 -1.81
N ALA B 197 22.75 20.68 -2.99
CA ALA B 197 23.57 20.05 -4.03
C ALA B 197 24.72 21.00 -4.35
N GLN B 198 24.37 22.24 -4.69
CA GLN B 198 25.35 23.26 -5.01
C GLN B 198 26.33 23.43 -3.85
N ALA B 199 25.82 23.37 -2.62
CA ALA B 199 26.68 23.52 -1.46
C ALA B 199 27.64 22.32 -1.31
N LEU B 200 27.13 21.11 -1.52
CA LEU B 200 27.94 19.90 -1.42
C LEU B 200 29.07 19.95 -2.42
N VAL B 201 28.78 20.51 -3.60
CA VAL B 201 29.77 20.63 -4.65
C VAL B 201 30.83 21.64 -4.28
N VAL B 202 30.40 22.86 -3.97
CA VAL B 202 31.31 23.93 -3.63
C VAL B 202 32.23 23.59 -2.45
N LYS B 203 31.70 22.99 -1.40
CA LYS B 203 32.55 22.65 -0.26
C LYS B 203 33.59 21.61 -0.69
N ASN B 204 33.23 20.77 -1.66
CA ASN B 204 34.14 19.75 -2.16
C ASN B 204 35.31 20.34 -2.96
N ALA B 205 35.02 21.33 -3.82
CA ALA B 205 36.06 21.96 -4.62
C ALA B 205 36.75 23.08 -3.84
N GLY B 206 36.66 22.99 -2.52
CA GLY B 206 37.28 23.98 -1.64
C GLY B 206 37.00 25.41 -2.02
N LYS B 207 35.77 25.69 -2.45
CA LYS B 207 35.38 27.02 -2.86
C LYS B 207 34.48 27.68 -1.81
N VAL B 208 34.48 27.13 -0.60
CA VAL B 208 33.66 27.67 0.50
C VAL B 208 33.87 29.17 0.67
N GLY B 209 33.03 29.98 0.02
CA GLY B 209 33.19 31.41 0.13
C GLY B 209 33.52 31.98 -1.24
N LYS B 210 34.38 31.29 -1.98
CA LYS B 210 34.77 31.72 -3.31
C LYS B 210 33.55 31.77 -4.22
N VAL B 211 32.88 30.63 -4.33
CA VAL B 211 31.67 30.51 -5.14
C VAL B 211 30.48 30.92 -4.29
N LYS B 212 29.70 31.87 -4.80
CA LYS B 212 28.54 32.37 -4.07
C LYS B 212 27.32 31.46 -4.23
N ILE B 213 26.52 31.33 -3.17
CA ILE B 213 25.32 30.51 -3.21
C ILE B 213 24.07 31.17 -2.61
N VAL B 214 23.09 31.41 -3.48
CA VAL B 214 21.82 31.99 -3.09
C VAL B 214 20.73 31.01 -3.50
N CYS B 215 20.06 30.40 -2.53
CA CYS B 215 19.03 29.41 -2.83
C CYS B 215 17.68 29.65 -2.15
N PHE B 216 16.79 28.66 -2.26
CA PHE B 216 15.45 28.70 -1.67
C PHE B 216 15.25 27.61 -0.61
N ASP B 217 14.32 27.85 0.31
CA ASP B 217 13.97 26.89 1.36
C ASP B 217 14.94 26.75 2.51
N THR B 218 14.45 26.22 3.62
CA THR B 218 15.25 26.09 4.82
C THR B 218 15.20 24.70 5.43
N THR B 219 15.40 23.68 4.61
CA THR B 219 15.40 22.31 5.11
C THR B 219 16.69 22.06 5.90
N PRO B 220 16.75 20.95 6.68
CA PRO B 220 17.96 20.65 7.46
C PRO B 220 19.28 20.95 6.77
N ASP B 221 19.53 20.29 5.64
CA ASP B 221 20.76 20.51 4.90
C ASP B 221 21.01 21.97 4.52
N ILE B 222 20.06 22.59 3.83
CA ILE B 222 20.23 23.98 3.41
C ILE B 222 20.65 24.87 4.58
N LEU B 223 20.03 24.67 5.73
CA LEU B 223 20.34 25.46 6.91
C LEU B 223 21.76 25.15 7.40
N GLN B 224 22.08 23.86 7.49
CA GLN B 224 23.39 23.41 7.92
C GLN B 224 24.51 24.12 7.16
N TYR B 225 24.36 24.22 5.84
CA TYR B 225 25.35 24.87 4.99
C TYR B 225 25.39 26.39 5.17
N VAL B 226 24.31 26.96 5.69
CA VAL B 226 24.26 28.39 5.95
C VAL B 226 25.04 28.61 7.25
N LYS B 227 25.10 27.56 8.05
CA LYS B 227 25.80 27.58 9.33
C LYS B 227 27.31 27.52 9.09
N GLU B 228 27.71 26.88 8.00
CA GLU B 228 29.13 26.76 7.65
C GLU B 228 29.52 27.84 6.66
N GLY B 229 28.65 28.85 6.50
CA GLY B 229 28.94 29.93 5.58
C GLY B 229 29.06 29.50 4.13
N VAL B 230 28.63 28.29 3.82
CA VAL B 230 28.69 27.78 2.45
C VAL B 230 27.61 28.45 1.59
N ILE B 231 26.46 28.69 2.22
CA ILE B 231 25.33 29.36 1.56
C ILE B 231 25.18 30.71 2.23
N GLN B 232 25.20 31.78 1.43
CA GLN B 232 25.10 33.14 1.95
C GLN B 232 23.69 33.61 2.24
N ALA B 233 22.74 33.22 1.39
CA ALA B 233 21.35 33.64 1.57
C ALA B 233 20.35 32.69 0.90
N THR B 234 19.31 32.31 1.63
CA THR B 234 18.27 31.42 1.11
C THR B 234 16.86 31.92 1.37
N GLY B 236 13.51 31.47 2.25
CA GLY B 236 12.70 30.43 2.88
C GLY B 236 11.22 30.66 2.69
N GLN B 237 10.48 29.55 2.55
CA GLN B 237 9.04 29.58 2.35
C GLN B 237 8.31 29.02 3.56
N ARG B 238 6.99 28.90 3.46
CA ARG B 238 6.20 28.37 4.54
C ARG B 238 5.37 27.19 4.04
N PRO B 239 6.03 26.06 3.72
CA PRO B 239 5.28 24.90 3.23
C PRO B 239 4.17 24.47 4.18
N TYR B 240 4.46 24.44 5.47
CA TYR B 240 3.47 24.06 6.47
C TYR B 240 2.19 24.89 6.33
N GLY B 243 0.09 24.04 3.21
CA GLY B 243 -0.71 22.83 3.30
C GLY B 243 -1.84 23.01 4.30
N TYR B 244 -1.56 23.66 5.42
CA TYR B 244 -2.59 23.89 6.45
C TYR B 244 -3.73 24.76 5.93
N LEU B 245 -3.39 25.92 5.38
CA LEU B 245 -4.40 26.83 4.87
C LEU B 245 -5.16 26.27 3.65
N SER B 246 -4.49 25.47 2.84
CA SER B 246 -5.16 24.90 1.68
C SER B 246 -6.33 24.03 2.12
N VAL B 247 -6.11 23.22 3.15
CA VAL B 247 -7.15 22.35 3.66
C VAL B 247 -8.24 23.20 4.30
N THR B 248 -7.82 24.24 5.01
CA THR B 248 -8.77 25.13 5.68
C THR B 248 -9.72 25.83 4.68
N VAL B 249 -9.14 26.37 3.62
CA VAL B 249 -9.92 27.07 2.60
C VAL B 249 -10.90 26.11 1.92
N LEU B 250 -10.44 24.93 1.54
CA LEU B 250 -11.32 23.97 0.89
C LEU B 250 -12.42 23.54 1.86
N TYR B 251 -12.07 23.42 3.14
CA TYR B 251 -13.05 23.04 4.17
C TYR B 251 -14.15 24.10 4.20
N LEU B 252 -13.75 25.37 4.31
CA LEU B 252 -14.71 26.45 4.33
C LEU B 252 -15.59 26.46 3.08
N ASN B 254 -16.71 24.16 1.41
CA ASN B 254 -17.73 23.16 1.54
C ASN B 254 -18.75 23.61 2.60
N LYS B 255 -18.28 24.11 3.73
CA LYS B 255 -19.22 24.51 4.78
C LYS B 255 -20.03 25.78 4.58
N ILE B 256 -19.36 26.86 4.18
CA ILE B 256 -20.02 28.15 3.99
C ILE B 256 -20.13 28.63 2.55
N GLY B 257 -19.63 27.84 1.60
CA GLY B 257 -19.71 28.22 0.20
C GLY B 257 -18.46 28.88 -0.33
N VAL B 258 -18.24 28.75 -1.64
CA VAL B 258 -17.09 29.34 -2.29
C VAL B 258 -17.04 30.86 -2.13
N GLN B 259 -18.09 31.58 -2.55
CA GLN B 259 -18.09 33.04 -2.44
C GLN B 259 -17.85 33.57 -1.03
N ASN B 260 -18.61 33.10 -0.04
CA ASN B 260 -18.42 33.58 1.34
C ASN B 260 -16.98 33.39 1.78
N THR B 261 -16.36 32.30 1.33
CA THR B 261 -14.98 32.02 1.68
C THR B 261 -14.02 33.01 1.02
N LEU B 262 -14.24 33.27 -0.27
CA LEU B 262 -13.37 34.17 -1.02
C LEU B 262 -13.33 35.57 -0.43
N LEU B 265 -10.73 36.24 2.08
CA LEU B 265 -9.32 36.24 1.68
C LEU B 265 -8.81 37.51 1.01
N PRO B 266 -7.48 37.69 1.00
CA PRO B 266 -6.87 38.88 0.38
C PRO B 266 -7.13 38.83 -1.11
N LYS B 267 -7.49 39.95 -1.70
CA LYS B 267 -7.71 39.90 -3.13
C LYS B 267 -6.72 40.78 -3.86
N VAL B 268 -6.48 40.42 -5.12
CA VAL B 268 -5.58 41.15 -5.98
C VAL B 268 -6.28 41.39 -7.31
N LYS B 269 -5.81 42.39 -8.05
CA LYS B 269 -6.42 42.67 -9.33
C LYS B 269 -5.41 42.24 -10.39
N VAL B 270 -5.79 41.30 -11.23
CA VAL B 270 -4.92 40.81 -12.29
C VAL B 270 -5.60 41.03 -13.63
N ASP B 271 -4.93 41.75 -14.53
CA ASP B 271 -5.51 42.05 -15.84
C ASP B 271 -6.92 42.62 -15.72
N GLY B 272 -7.14 43.44 -14.70
CA GLY B 272 -8.43 44.06 -14.49
C GLY B 272 -9.52 43.21 -13.84
N LYS B 273 -9.20 41.97 -13.51
CA LYS B 273 -10.17 41.08 -12.88
C LYS B 273 -9.68 40.70 -11.47
N VAL B 274 -10.59 40.61 -10.52
CA VAL B 274 -10.21 40.27 -9.17
C VAL B 274 -9.80 38.82 -9.03
N ASP B 275 -8.69 38.58 -8.34
CA ASP B 275 -8.23 37.23 -8.10
C ASP B 275 -7.99 37.13 -6.59
N TYR B 276 -7.88 35.92 -6.08
CA TYR B 276 -7.65 35.72 -4.65
C TYR B 276 -6.34 35.02 -4.43
N VAL B 277 -5.51 35.63 -3.60
CA VAL B 277 -4.18 35.10 -3.33
C VAL B 277 -3.72 35.22 -1.87
N ILE B 278 -3.37 34.10 -1.26
CA ILE B 278 -2.86 34.12 0.09
C ILE B 278 -1.35 34.02 -0.05
N ASP B 279 -0.65 35.12 0.25
CA ASP B 279 0.80 35.15 0.16
C ASP B 279 1.38 34.67 1.48
N THR B 280 1.85 33.43 1.50
CA THR B 280 2.41 32.85 2.72
C THR B 280 3.76 33.45 3.14
N GLY B 281 4.22 34.46 2.40
CA GLY B 281 5.46 35.14 2.73
C GLY B 281 6.77 34.37 2.70
N VAL B 282 7.89 35.11 2.63
CA VAL B 282 9.24 34.52 2.60
C VAL B 282 10.16 35.09 3.67
N ASP B 283 11.01 34.22 4.22
CA ASP B 283 11.98 34.61 5.23
C ASP B 283 13.37 34.56 4.63
N VAL B 284 13.99 35.70 4.39
CA VAL B 284 15.34 35.71 3.83
C VAL B 284 16.30 35.31 4.96
N VAL B 285 16.96 34.18 4.80
CA VAL B 285 17.89 33.71 5.83
C VAL B 285 19.35 33.71 5.38
N THR B 286 20.20 34.35 6.20
CA THR B 286 21.64 34.43 5.95
C THR B 286 22.34 33.81 7.14
N PRO B 287 23.68 33.71 7.11
CA PRO B 287 24.37 33.12 8.26
C PRO B 287 24.27 34.05 9.46
N GLU B 288 24.12 35.34 9.18
CA GLU B 288 24.01 36.36 10.21
C GLU B 288 22.79 36.20 11.12
N ASN B 289 21.65 35.88 10.52
CA ASN B 289 20.42 35.71 11.29
C ASN B 289 19.89 34.28 11.32
N LEU B 290 20.80 33.30 11.24
CA LEU B 290 20.42 31.89 11.24
C LEU B 290 19.92 31.44 12.61
N ASP B 291 20.12 32.28 13.61
CA ASP B 291 19.69 31.93 14.95
C ASP B 291 18.38 32.64 15.25
N GLU B 292 18.17 33.78 14.60
CA GLU B 292 16.95 34.53 14.80
C GLU B 292 15.84 33.80 14.06
N TYR B 293 16.19 33.22 12.92
CA TYR B 293 15.22 32.48 12.13
C TYR B 293 14.77 31.27 12.92
N LEU B 294 15.72 30.58 13.54
CA LEU B 294 15.37 29.39 14.33
C LEU B 294 14.43 29.80 15.46
N LYS B 295 14.73 30.94 16.08
CA LYS B 295 13.92 31.44 17.17
C LYS B 295 12.53 31.80 16.68
N LYS B 296 12.44 32.49 15.54
CA LYS B 296 11.15 32.89 14.99
C LYS B 296 10.24 31.68 14.69
N GLU B 298 10.43 28.77 15.98
CA GLU B 298 10.14 28.09 17.21
C GLU B 298 8.94 28.75 17.88
N GLU B 299 8.81 30.06 17.67
CA GLU B 299 7.73 30.83 18.26
C GLU B 299 6.42 30.70 17.50
N LEU B 300 6.48 30.48 16.20
CA LEU B 300 5.27 30.37 15.39
C LEU B 300 4.59 29.01 15.45
N GLY B 301 5.14 28.09 16.26
CA GLY B 301 4.54 26.77 16.40
C GLY B 301 5.09 25.71 15.46
N ILE B 302 6.13 26.06 14.70
CA ILE B 302 6.76 25.12 13.76
C ILE B 302 8.26 25.10 14.05
N PRO B 303 8.65 24.61 15.23
CA PRO B 303 10.07 24.53 15.64
C PRO B 303 10.97 23.57 14.88
N ILE B 304 12.27 23.86 14.94
CA ILE B 304 13.32 23.08 14.29
C ILE B 304 13.17 23.02 12.77
N LEU C 3 -9.56 1.14 10.09
CA LEU C 3 -8.28 0.93 9.35
C LEU C 3 -8.50 0.25 8.02
N THR C 4 -7.51 0.41 7.13
CA THR C 4 -7.58 -0.16 5.80
C THR C 4 -6.22 -0.77 5.45
N ILE C 5 -6.23 -2.01 4.97
CA ILE C 5 -4.99 -2.70 4.58
C ILE C 5 -4.99 -3.03 3.09
N GLY C 6 -3.93 -2.65 2.39
CA GLY C 6 -3.87 -2.92 0.97
C GLY C 6 -2.93 -4.06 0.64
N VAL C 7 -3.34 -4.95 -0.26
CA VAL C 7 -2.52 -6.09 -0.65
C VAL C 7 -2.43 -6.11 -2.18
N ILE C 8 -1.22 -6.34 -2.70
CA ILE C 8 -0.97 -6.39 -4.14
C ILE C 8 -0.37 -7.72 -4.54
N GLY C 9 -1.03 -8.39 -5.47
CA GLY C 9 -0.57 -9.68 -5.95
C GLY C 9 0.09 -9.61 -7.31
N LYS C 10 0.39 -10.77 -7.90
CA LYS C 10 1.08 -10.80 -9.17
C LYS C 10 0.26 -11.15 -10.42
N SER C 11 -0.78 -11.96 -10.31
CA SER C 11 -1.58 -12.30 -11.50
C SER C 11 -3.00 -12.69 -11.15
N VAL C 12 -3.83 -12.87 -12.18
CA VAL C 12 -5.23 -13.21 -11.94
C VAL C 12 -5.51 -14.71 -11.74
N HIS C 13 -4.46 -15.49 -11.51
CA HIS C 13 -4.57 -16.93 -11.29
C HIS C 13 -5.37 -17.29 -10.02
N PRO C 14 -6.08 -18.44 -10.04
CA PRO C 14 -6.88 -18.90 -8.89
C PRO C 14 -6.04 -18.92 -7.63
N TYR C 15 -4.74 -19.07 -7.79
CA TYR C 15 -3.82 -19.08 -6.66
C TYR C 15 -4.00 -17.80 -5.85
N TRP C 16 -4.11 -16.67 -6.56
CA TRP C 16 -4.28 -15.38 -5.87
C TRP C 16 -5.65 -15.21 -5.29
N SER C 17 -6.61 -16.00 -5.77
CA SER C 17 -7.95 -15.92 -5.22
C SER C 17 -7.91 -16.55 -3.82
N GLN C 18 -7.04 -17.54 -3.64
CA GLN C 18 -6.89 -18.18 -2.34
C GLN C 18 -6.26 -17.20 -1.37
N VAL C 19 -5.33 -16.39 -1.88
CA VAL C 19 -4.69 -15.37 -1.07
C VAL C 19 -5.76 -14.35 -0.67
N GLU C 20 -6.60 -13.96 -1.63
CA GLU C 20 -7.65 -12.99 -1.37
C GLU C 20 -8.62 -13.51 -0.31
N GLN C 21 -8.95 -14.79 -0.36
CA GLN C 21 -9.86 -15.33 0.63
C GLN C 21 -9.21 -15.20 2.01
N GLY C 22 -7.90 -15.40 2.06
CA GLY C 22 -7.16 -15.26 3.30
C GLY C 22 -7.20 -13.82 3.78
N VAL C 23 -6.95 -12.91 2.85
CA VAL C 23 -6.96 -11.48 3.16
C VAL C 23 -8.34 -11.04 3.67
N LYS C 24 -9.42 -11.43 2.99
CA LYS C 24 -10.76 -11.05 3.42
C LYS C 24 -11.19 -11.67 4.75
N ALA C 25 -10.80 -12.92 4.98
CA ALA C 25 -11.16 -13.62 6.22
C ALA C 25 -10.51 -12.94 7.40
N ALA C 26 -9.25 -12.54 7.24
CA ALA C 26 -8.54 -11.86 8.32
C ALA C 26 -9.12 -10.46 8.52
N GLY C 27 -9.43 -9.80 7.40
CA GLY C 27 -10.01 -8.47 7.48
C GLY C 27 -11.32 -8.53 8.24
N LYS C 28 -12.11 -9.56 7.98
CA LYS C 28 -13.37 -9.73 8.67
C LYS C 28 -13.18 -10.07 10.15
N ALA C 29 -12.25 -10.97 10.45
CA ALA C 29 -12.03 -11.36 11.84
C ALA C 29 -11.52 -10.21 12.71
N LEU C 30 -10.72 -9.33 12.13
CA LEU C 30 -10.14 -8.19 12.84
C LEU C 30 -10.86 -6.86 12.64
N GLY C 31 -11.94 -6.84 11.88
CA GLY C 31 -12.65 -5.58 11.67
C GLY C 31 -11.83 -4.57 10.90
N VAL C 32 -11.25 -5.01 9.80
CA VAL C 32 -10.41 -4.17 8.96
C VAL C 32 -10.86 -4.20 7.51
N ASP C 33 -10.79 -3.06 6.84
CA ASP C 33 -11.15 -3.03 5.43
C ASP C 33 -9.91 -3.41 4.68
N THR C 34 -10.08 -4.17 3.61
CA THR C 34 -8.95 -4.60 2.83
C THR C 34 -9.16 -4.29 1.34
N LYS C 35 -8.11 -3.78 0.70
CA LYS C 35 -8.11 -3.48 -0.72
C LYS C 35 -7.24 -4.57 -1.30
N PHE C 36 -7.68 -5.20 -2.37
CA PHE C 36 -6.89 -6.26 -2.98
C PHE C 36 -6.75 -6.05 -4.48
N PHE C 37 -5.53 -6.06 -4.97
CA PHE C 37 -5.27 -5.88 -6.40
C PHE C 37 -4.28 -6.88 -7.00
N VAL C 38 -4.65 -7.40 -8.18
CA VAL C 38 -3.80 -8.28 -8.96
C VAL C 38 -4.03 -7.93 -10.42
N PRO C 39 -2.94 -7.78 -11.19
CA PRO C 39 -3.08 -7.45 -12.60
C PRO C 39 -3.44 -8.74 -13.35
N GLN C 40 -3.77 -8.65 -14.64
CA GLN C 40 -4.12 -9.86 -15.41
C GLN C 40 -2.94 -10.81 -15.51
N LYS C 41 -1.78 -10.27 -15.81
CA LYS C 41 -0.56 -11.06 -15.92
C LYS C 41 0.53 -10.24 -15.23
N GLU C 42 1.78 -10.68 -15.28
CA GLU C 42 2.85 -9.92 -14.62
C GLU C 42 2.82 -8.50 -15.13
N ASP C 43 2.65 -7.54 -14.22
CA ASP C 43 2.58 -6.13 -14.62
C ASP C 43 3.22 -5.24 -13.56
N ILE C 44 4.54 -5.14 -13.64
CA ILE C 44 5.33 -4.35 -12.70
C ILE C 44 4.80 -2.94 -12.56
N ASN C 45 4.54 -2.29 -13.69
CA ASN C 45 4.05 -0.92 -13.65
C ASN C 45 2.65 -0.86 -13.01
N ALA C 46 1.84 -1.87 -13.22
CA ALA C 46 0.51 -1.88 -12.61
C ALA C 46 0.68 -1.96 -11.09
N GLN C 47 1.56 -2.86 -10.63
CA GLN C 47 1.84 -3.03 -9.20
C GLN C 47 2.32 -1.72 -8.59
N LEU C 48 3.26 -1.07 -9.28
CA LEU C 48 3.80 0.20 -8.81
C LEU C 48 2.72 1.28 -8.71
N GLN C 49 1.88 1.35 -9.74
CA GLN C 49 0.83 2.36 -9.76
C GLN C 49 -0.16 2.15 -8.65
N LEU C 51 0.40 0.64 -5.89
CA LEU C 51 1.13 0.90 -4.67
C LEU C 51 1.14 2.41 -4.40
N GLU C 52 1.37 3.19 -5.46
CA GLU C 52 1.38 4.64 -5.35
C GLU C 52 0.00 5.07 -4.92
N SER C 53 -1.01 4.41 -5.46
CA SER C 53 -2.39 4.75 -5.14
C SER C 53 -2.76 4.47 -3.67
N PHE C 54 -2.43 3.27 -3.16
CA PHE C 54 -2.73 2.94 -1.76
C PHE C 54 -2.06 3.93 -0.84
N ILE C 55 -0.80 4.28 -1.12
CA ILE C 55 -0.08 5.24 -0.29
C ILE C 55 -0.84 6.57 -0.28
N ALA C 56 -1.27 7.01 -1.46
CA ALA C 56 -2.01 8.26 -1.59
C ALA C 56 -3.37 8.21 -0.91
N GLU C 57 -4.01 7.05 -0.92
CA GLU C 57 -5.33 6.91 -0.32
C GLU C 57 -5.26 6.72 1.20
N GLY C 58 -4.04 6.77 1.72
CA GLY C 58 -3.83 6.66 3.16
C GLY C 58 -4.08 5.35 3.88
N VAL C 59 -3.90 4.22 3.20
CA VAL C 59 -4.09 2.92 3.85
C VAL C 59 -3.17 2.87 5.07
N ASN C 60 -3.46 1.98 6.00
CA ASN C 60 -2.64 1.87 7.20
C ASN C 60 -1.61 0.77 7.13
N GLY C 61 -1.46 0.17 5.96
CA GLY C 61 -0.50 -0.89 5.80
C GLY C 61 -0.55 -1.50 4.42
N ILE C 62 0.58 -2.03 3.96
CA ILE C 62 0.66 -2.63 2.64
C ILE C 62 1.43 -3.95 2.62
N ALA C 63 0.82 -4.92 1.95
CA ALA C 63 1.41 -6.23 1.78
C ALA C 63 1.57 -6.41 0.26
N ILE C 64 2.80 -6.50 -0.21
CA ILE C 64 3.02 -6.64 -1.65
C ILE C 64 3.89 -7.84 -2.05
N ALA C 65 3.63 -8.36 -3.25
CA ALA C 65 4.38 -9.47 -3.83
C ALA C 65 4.98 -8.88 -5.10
N PRO C 66 6.07 -8.11 -4.96
CA PRO C 66 6.75 -7.48 -6.10
C PRO C 66 7.25 -8.41 -7.19
N SER C 67 6.82 -8.13 -8.43
CA SER C 67 7.23 -8.89 -9.60
C SER C 67 8.69 -8.55 -9.81
N ASP C 68 9.07 -7.38 -9.31
CA ASP C 68 10.45 -6.93 -9.41
C ASP C 68 10.87 -6.42 -8.03
N PRO C 69 11.75 -7.16 -7.34
CA PRO C 69 12.18 -6.69 -6.02
C PRO C 69 12.85 -5.32 -6.01
N THR C 70 13.62 -5.02 -7.04
CA THR C 70 14.33 -3.75 -7.11
C THR C 70 13.48 -2.56 -7.56
N ALA C 71 12.56 -2.80 -8.50
CA ALA C 71 11.71 -1.76 -9.04
C ALA C 71 10.78 -1.11 -8.00
N VAL C 72 10.37 -1.87 -7.00
CA VAL C 72 9.47 -1.34 -5.97
C VAL C 72 10.12 -0.65 -4.78
N ILE C 73 11.44 -0.73 -4.65
CA ILE C 73 12.10 -0.15 -3.49
C ILE C 73 11.82 1.32 -3.15
N PRO C 74 11.98 2.24 -4.13
CA PRO C 74 11.73 3.65 -3.87
C PRO C 74 10.33 3.98 -3.35
N THR C 75 9.34 3.24 -3.82
CA THR C 75 7.97 3.50 -3.40
C THR C 75 7.68 2.88 -2.03
N ILE C 76 8.32 1.75 -1.73
CA ILE C 76 8.14 1.11 -0.45
C ILE C 76 8.76 2.04 0.58
N LYS C 77 9.84 2.69 0.21
CA LYS C 77 10.51 3.63 1.11
C LYS C 77 9.60 4.81 1.40
N LYS C 78 8.89 5.28 0.38
CA LYS C 78 7.98 6.41 0.54
C LYS C 78 6.87 6.00 1.49
N ALA C 79 6.34 4.80 1.28
CA ALA C 79 5.28 4.31 2.12
C ALA C 79 5.74 4.30 3.58
N LEU C 80 6.96 3.82 3.83
CA LEU C 80 7.49 3.76 5.19
C LEU C 80 7.64 5.16 5.76
N GLU C 81 8.19 6.04 4.94
CA GLU C 81 8.38 7.43 5.31
C GLU C 81 7.05 8.07 5.74
N GLY C 83 4.74 6.68 7.25
CA GLY C 83 4.22 6.00 8.41
C GLY C 83 3.34 4.81 8.07
N ILE C 84 3.51 4.22 6.89
CA ILE C 84 2.73 3.06 6.47
C ILE C 84 3.59 1.80 6.46
N PRO C 85 3.31 0.85 7.36
CA PRO C 85 4.09 -0.38 7.42
C PRO C 85 4.01 -1.22 6.15
N VAL C 86 5.11 -1.83 5.75
CA VAL C 86 5.09 -2.66 4.56
C VAL C 86 5.70 -4.03 4.83
N VAL C 87 5.04 -5.06 4.28
CA VAL C 87 5.51 -6.44 4.38
C VAL C 87 5.37 -7.07 2.99
N THR C 88 6.10 -8.15 2.76
CA THR C 88 5.99 -8.82 1.49
C THR C 88 5.42 -10.22 1.67
N LEU C 89 4.75 -10.71 0.63
CA LEU C 89 4.20 -12.05 0.67
C LEU C 89 4.46 -12.73 -0.67
N ASP C 90 4.48 -14.07 -0.62
CA ASP C 90 4.66 -14.89 -1.81
C ASP C 90 6.04 -14.82 -2.46
N THR C 91 6.59 -13.62 -2.58
CA THR C 91 7.91 -13.41 -3.18
C THR C 91 8.43 -12.16 -2.47
N ASP C 92 9.73 -12.14 -2.18
CA ASP C 92 10.35 -11.05 -1.42
C ASP C 92 11.06 -9.89 -2.15
N SER C 93 11.56 -8.95 -1.35
CA SER C 93 12.32 -7.76 -1.76
C SER C 93 12.99 -7.27 -0.48
N PRO C 94 13.96 -8.05 0.05
CA PRO C 94 14.73 -7.80 1.27
C PRO C 94 15.40 -6.45 1.52
N ASP C 95 15.83 -5.76 0.48
CA ASP C 95 16.47 -4.45 0.68
C ASP C 95 15.51 -3.28 0.53
N SER C 96 14.22 -3.54 0.47
CA SER C 96 13.24 -2.47 0.28
C SER C 96 12.93 -1.65 1.54
N GLY C 97 13.05 -2.27 2.70
CA GLY C 97 12.72 -1.59 3.96
C GLY C 97 11.62 -2.41 4.63
N ARG C 98 11.09 -3.37 3.87
CA ARG C 98 10.07 -4.30 4.32
C ARG C 98 10.39 -4.83 5.71
N TYR C 99 9.39 -4.92 6.58
CA TYR C 99 9.62 -5.40 7.93
C TYR C 99 9.54 -6.91 8.04
N VAL C 100 8.62 -7.52 7.31
CA VAL C 100 8.42 -8.96 7.37
C VAL C 100 8.13 -9.62 6.04
N TYR C 101 8.73 -10.78 5.80
CA TYR C 101 8.46 -11.54 4.58
C TYR C 101 7.60 -12.71 5.01
N ILE C 102 6.43 -12.85 4.39
CA ILE C 102 5.53 -13.94 4.75
C ILE C 102 5.31 -14.83 3.53
N GLY C 103 5.68 -16.09 3.64
CA GLY C 103 5.49 -16.99 2.52
C GLY C 103 6.33 -18.26 2.52
N THR C 104 6.49 -18.81 1.32
CA THR C 104 7.24 -20.04 1.14
C THR C 104 8.73 -19.82 1.05
N ASP C 105 9.49 -20.79 1.55
CA ASP C 105 10.94 -20.72 1.49
C ASP C 105 11.22 -21.19 0.08
N ASN C 106 11.13 -20.28 -0.87
CA ASN C 106 11.30 -20.59 -2.29
C ASN C 106 12.55 -21.37 -2.69
N TYR C 107 13.72 -20.98 -2.19
CA TYR C 107 14.92 -21.71 -2.53
C TYR C 107 14.82 -23.18 -2.09
N GLN C 108 14.45 -23.40 -0.84
CA GLN C 108 14.33 -24.75 -0.31
C GLN C 108 13.27 -25.59 -1.01
N ALA C 109 12.18 -24.94 -1.40
CA ALA C 109 11.08 -25.63 -2.08
C ALA C 109 11.47 -26.05 -3.49
N GLY C 110 12.31 -25.25 -4.13
CA GLY C 110 12.75 -25.58 -5.47
C GLY C 110 13.73 -26.73 -5.38
N TYR C 111 14.49 -26.76 -4.29
CA TYR C 111 15.47 -27.79 -4.05
C TYR C 111 14.75 -29.12 -3.84
N THR C 112 13.85 -29.14 -2.87
CA THR C 112 13.08 -30.34 -2.58
C THR C 112 12.49 -30.87 -3.88
N ALA C 113 12.01 -29.96 -4.73
CA ALA C 113 11.42 -30.34 -6.01
C ALA C 113 12.51 -30.82 -6.96
N GLY C 114 13.74 -30.35 -6.72
CA GLY C 114 14.84 -30.75 -7.56
C GLY C 114 15.20 -32.20 -7.27
N LEU C 115 15.23 -32.55 -5.98
CA LEU C 115 15.55 -33.90 -5.58
C LEU C 115 14.51 -34.90 -6.09
N ILE C 116 13.25 -34.50 -6.09
CA ILE C 116 12.17 -35.36 -6.56
C ILE C 116 12.31 -35.66 -8.06
N LYS C 118 15.33 -35.36 -9.71
CA LYS C 118 16.60 -36.06 -9.73
C LYS C 118 16.45 -37.56 -9.47
N GLU C 119 15.34 -37.97 -8.87
CA GLU C 119 15.11 -39.38 -8.58
C GLU C 119 14.14 -40.00 -9.59
N LEU C 120 13.12 -39.24 -9.99
CA LEU C 120 12.14 -39.72 -10.96
C LEU C 120 12.77 -39.93 -12.33
N LEU C 121 13.95 -39.33 -12.53
CA LEU C 121 14.70 -39.44 -13.79
C LEU C 121 15.97 -40.26 -13.61
N GLY C 122 16.07 -40.97 -12.49
CA GLY C 122 17.26 -41.77 -12.25
C GLY C 122 18.53 -40.94 -12.25
N GLY C 123 18.39 -39.63 -12.14
CA GLY C 123 19.54 -38.76 -12.13
C GLY C 123 20.12 -38.46 -13.50
N LYS C 124 19.31 -38.65 -14.54
CA LYS C 124 19.75 -38.39 -15.91
C LYS C 124 18.57 -38.19 -16.85
N GLY C 125 18.71 -37.23 -17.76
CA GLY C 125 17.65 -36.94 -18.71
C GLY C 125 17.56 -35.46 -19.06
N LYS C 126 16.65 -35.13 -19.98
CA LYS C 126 16.46 -33.75 -20.42
C LYS C 126 15.18 -33.14 -19.85
N VAL C 127 15.33 -31.95 -19.27
CA VAL C 127 14.20 -31.25 -18.65
C VAL C 127 14.07 -29.79 -19.06
N VAL C 128 12.82 -29.36 -19.26
CA VAL C 128 12.50 -27.99 -19.62
C VAL C 128 11.83 -27.30 -18.43
N ILE C 129 12.15 -26.02 -18.22
CA ILE C 129 11.57 -25.27 -17.12
C ILE C 129 10.57 -24.25 -17.63
N GLY C 130 9.43 -24.16 -16.95
CA GLY C 130 8.41 -23.20 -17.31
C GLY C 130 8.16 -22.25 -16.14
N THR C 131 8.34 -20.95 -16.35
CA THR C 131 8.13 -19.99 -15.27
C THR C 131 7.37 -18.74 -15.72
N GLY C 132 6.80 -18.02 -14.76
CA GLY C 132 6.04 -16.83 -15.08
C GLY C 132 6.81 -15.53 -14.92
N SER C 133 8.04 -15.63 -14.43
CA SER C 133 8.86 -14.45 -14.26
C SER C 133 10.33 -14.79 -14.21
N LEU C 134 11.16 -13.78 -14.43
CA LEU C 134 12.61 -13.95 -14.39
C LEU C 134 13.15 -12.77 -13.61
N THR C 135 12.24 -12.00 -13.02
CA THR C 135 12.59 -10.84 -12.23
C THR C 135 12.16 -11.06 -10.78
N ALA C 136 11.00 -11.67 -10.60
CA ALA C 136 10.45 -11.97 -9.28
C ALA C 136 11.41 -12.89 -8.54
N ASN C 138 10.88 -15.01 -6.05
CA ASN C 138 10.47 -16.37 -5.75
C ASN C 138 10.73 -17.31 -6.94
N SER C 139 10.64 -16.77 -8.15
CA SER C 139 10.90 -17.58 -9.35
C SER C 139 12.36 -17.97 -9.41
N LEU C 140 13.23 -16.96 -9.40
CA LEU C 140 14.67 -17.17 -9.45
C LEU C 140 15.18 -18.09 -8.32
N GLN C 141 14.57 -18.06 -7.14
CA GLN C 141 15.01 -18.91 -6.04
C GLN C 141 14.58 -20.36 -6.21
N ARG C 142 13.37 -20.55 -6.74
CA ARG C 142 12.85 -21.90 -6.97
C ARG C 142 13.66 -22.57 -8.07
N ILE C 143 14.17 -21.76 -9.01
CA ILE C 143 14.97 -22.26 -10.12
C ILE C 143 16.38 -22.55 -9.64
N GLN C 144 16.97 -21.61 -8.91
CA GLN C 144 18.31 -21.79 -8.40
C GLN C 144 18.36 -22.98 -7.44
N GLY C 145 17.24 -23.28 -6.81
CA GLY C 145 17.19 -24.40 -5.88
C GLY C 145 17.04 -25.70 -6.61
N PHE C 146 16.40 -25.65 -7.77
CA PHE C 146 16.19 -26.82 -8.61
C PHE C 146 17.47 -27.18 -9.34
N LYS C 147 18.31 -26.17 -9.58
CA LYS C 147 19.58 -26.39 -10.26
C LYS C 147 20.56 -27.01 -9.27
N ASP C 148 20.56 -26.49 -8.05
CA ASP C 148 21.45 -26.97 -7.02
C ASP C 148 21.14 -28.42 -6.61
N ALA C 149 19.88 -28.82 -6.76
CA ALA C 149 19.49 -30.17 -6.39
C ALA C 149 19.86 -31.20 -7.45
N ILE C 150 20.13 -30.73 -8.67
CA ILE C 150 20.50 -31.62 -9.76
C ILE C 150 21.94 -31.41 -10.24
N LYS C 151 22.73 -30.69 -9.46
CA LYS C 151 24.12 -30.40 -9.83
C LYS C 151 25.02 -31.63 -10.01
N ASP C 152 25.08 -32.50 -9.00
CA ASP C 152 25.92 -33.69 -9.09
C ASP C 152 25.35 -34.80 -9.97
N SER C 153 24.24 -34.52 -10.66
CA SER C 153 23.63 -35.50 -11.55
C SER C 153 23.90 -35.16 -13.00
N GLU C 154 23.44 -36.03 -13.90
CA GLU C 154 23.66 -35.82 -15.34
C GLU C 154 22.45 -35.15 -15.99
N ILE C 155 21.50 -34.74 -15.17
CA ILE C 155 20.28 -34.08 -15.66
C ILE C 155 20.63 -32.81 -16.42
N GLU C 156 19.88 -32.52 -17.48
CA GLU C 156 20.16 -31.38 -18.32
C GLU C 156 18.98 -30.46 -18.66
N ILE C 157 19.06 -29.22 -18.19
CA ILE C 157 18.04 -28.21 -18.44
C ILE C 157 18.30 -27.64 -19.83
N VAL C 158 17.47 -28.01 -20.80
CA VAL C 158 17.64 -27.55 -22.17
C VAL C 158 17.03 -26.17 -22.45
N ASP C 159 16.11 -25.75 -21.60
CA ASP C 159 15.47 -24.44 -21.78
C ASP C 159 14.84 -23.92 -20.51
N ILE C 160 14.44 -22.66 -20.57
CA ILE C 160 13.75 -21.98 -19.47
C ILE C 160 12.84 -20.95 -20.13
N LEU C 161 11.58 -21.32 -20.31
CA LEU C 161 10.61 -20.45 -20.97
C LEU C 161 9.85 -19.56 -19.99
N ASN C 162 9.75 -18.28 -20.33
CA ASN C 162 9.03 -17.32 -19.49
C ASN C 162 7.73 -16.87 -20.14
N ASP C 163 6.61 -17.16 -19.48
CA ASP C 163 5.29 -16.79 -20.00
C ASP C 163 4.68 -15.55 -19.36
N GLU C 164 5.44 -14.87 -18.51
CA GLU C 164 4.97 -13.67 -17.82
C GLU C 164 3.60 -13.90 -17.17
N GLU C 165 3.38 -15.12 -16.70
CA GLU C 165 2.14 -15.51 -16.04
C GLU C 165 0.89 -15.37 -16.90
N ASP C 166 0.96 -15.94 -18.09
CA ASP C 166 -0.12 -15.95 -19.07
C ASP C 166 -0.35 -17.43 -19.32
N GLY C 167 -1.57 -17.89 -19.13
CA GLY C 167 -1.87 -19.30 -19.34
C GLY C 167 -1.68 -19.75 -20.78
N ALA C 168 -2.20 -18.98 -21.73
CA ALA C 168 -2.09 -19.32 -23.14
C ALA C 168 -0.63 -19.39 -23.59
N ARG C 169 0.13 -18.36 -23.25
CA ARG C 169 1.54 -18.31 -23.61
C ARG C 169 2.30 -19.47 -22.97
N ALA C 170 1.88 -19.87 -21.78
CA ALA C 170 2.51 -20.97 -21.07
C ALA C 170 2.31 -22.27 -21.85
N VAL C 171 1.06 -22.52 -22.25
CA VAL C 171 0.73 -23.72 -23.00
C VAL C 171 1.44 -23.68 -24.35
N SER C 172 1.50 -22.48 -24.93
CA SER C 172 2.12 -22.28 -26.23
C SER C 172 3.62 -22.57 -26.24
N LEU C 173 4.33 -22.08 -25.22
CA LEU C 173 5.76 -22.29 -25.14
C LEU C 173 6.09 -23.71 -24.70
N ALA C 174 5.11 -24.41 -24.14
CA ALA C 174 5.33 -25.77 -23.69
C ALA C 174 5.23 -26.72 -24.87
N GLU C 175 4.30 -26.42 -25.77
CA GLU C 175 4.09 -27.24 -26.95
C GLU C 175 5.27 -27.05 -27.90
N ALA C 176 5.71 -25.81 -28.05
CA ALA C 176 6.82 -25.50 -28.92
C ALA C 176 8.10 -26.13 -28.38
N ALA C 177 8.22 -26.17 -27.06
CA ALA C 177 9.40 -26.74 -26.42
C ALA C 177 9.43 -28.25 -26.56
N LEU C 178 8.24 -28.85 -26.72
CA LEU C 178 8.12 -30.29 -26.87
C LEU C 178 8.43 -30.76 -28.29
N ASN C 179 8.17 -29.91 -29.28
CA ASN C 179 8.46 -30.26 -30.67
C ASN C 179 9.96 -30.09 -30.91
N ALA C 180 10.51 -29.02 -30.33
CA ALA C 180 11.93 -28.73 -30.45
C ALA C 180 12.78 -29.79 -29.76
N HIS C 181 12.18 -30.50 -28.80
CA HIS C 181 12.87 -31.55 -28.06
C HIS C 181 11.92 -32.71 -27.85
N PRO C 182 11.68 -33.51 -28.91
CA PRO C 182 10.76 -34.65 -28.79
C PRO C 182 11.34 -35.73 -27.88
N ASP C 183 12.58 -35.51 -27.45
CA ASP C 183 13.29 -36.44 -26.57
C ASP C 183 13.30 -35.92 -25.13
N LEU C 184 12.41 -34.98 -24.83
CA LEU C 184 12.35 -34.40 -23.49
C LEU C 184 11.84 -35.39 -22.45
N ASP C 185 12.60 -35.52 -21.37
CA ASP C 185 12.24 -36.44 -20.30
C ASP C 185 11.31 -35.81 -19.27
N ALA C 186 11.47 -34.52 -18.99
CA ALA C 186 10.62 -33.89 -17.99
C ALA C 186 10.44 -32.38 -18.05
N PHE C 187 9.31 -31.94 -17.50
CA PHE C 187 8.96 -30.52 -17.42
C PHE C 187 9.00 -30.12 -15.95
N PHE C 188 9.32 -28.86 -15.70
CA PHE C 188 9.38 -28.31 -14.35
C PHE C 188 8.68 -26.95 -14.35
N GLY C 189 7.55 -26.88 -13.65
CA GLY C 189 6.78 -25.65 -13.60
C GLY C 189 6.97 -24.90 -12.30
N VAL C 190 7.56 -23.71 -12.41
CA VAL C 190 7.83 -22.88 -11.25
C VAL C 190 6.58 -22.24 -10.65
N TYR C 191 5.70 -21.72 -11.50
CA TYR C 191 4.46 -21.08 -11.06
C TYR C 191 3.23 -21.95 -11.30
N ALA C 192 2.09 -21.48 -10.79
CA ALA C 192 0.83 -22.22 -10.90
C ALA C 192 0.30 -22.43 -12.32
N TYR C 193 0.62 -21.52 -13.23
CA TYR C 193 0.15 -21.66 -14.60
C TYR C 193 0.90 -22.75 -15.32
N ASN C 194 2.20 -22.84 -15.04
CA ASN C 194 3.08 -23.82 -15.68
C ASN C 194 2.74 -25.29 -15.55
N GLY C 195 2.64 -25.79 -14.32
CA GLY C 195 2.32 -27.19 -14.11
C GLY C 195 1.22 -27.77 -14.96
N PRO C 196 -0.01 -27.24 -14.88
CA PRO C 196 -1.11 -27.77 -15.68
C PRO C 196 -0.91 -27.54 -17.17
N ALA C 197 -0.24 -26.44 -17.53
CA ALA C 197 0.00 -26.14 -18.94
C ALA C 197 0.82 -27.25 -19.58
N GLN C 198 1.89 -27.66 -18.90
CA GLN C 198 2.75 -28.72 -19.38
C GLN C 198 2.01 -30.05 -19.34
N ALA C 199 1.06 -30.18 -18.43
CA ALA C 199 0.28 -31.40 -18.32
C ALA C 199 -0.61 -31.54 -19.54
N LEU C 200 -1.16 -30.42 -20.02
CA LEU C 200 -2.04 -30.41 -21.18
C LEU C 200 -1.26 -30.83 -22.43
N VAL C 201 -0.06 -30.30 -22.58
CA VAL C 201 0.77 -30.63 -23.72
C VAL C 201 1.15 -32.11 -23.71
N VAL C 202 1.65 -32.59 -22.58
CA VAL C 202 2.04 -33.98 -22.43
C VAL C 202 0.84 -34.90 -22.68
N LYS C 203 -0.35 -34.45 -22.29
CA LYS C 203 -1.55 -35.26 -22.48
C LYS C 203 -1.88 -35.34 -23.97
N ASN C 204 -1.85 -34.19 -24.65
CA ASN C 204 -2.15 -34.14 -26.08
C ASN C 204 -1.16 -34.94 -26.92
N ALA C 205 0.11 -34.91 -26.53
CA ALA C 205 1.14 -35.64 -27.26
C ALA C 205 1.12 -37.13 -26.93
N GLY C 206 0.17 -37.53 -26.09
CA GLY C 206 0.05 -38.93 -25.71
C GLY C 206 1.27 -39.51 -25.03
N LYS C 207 2.05 -38.66 -24.37
CA LYS C 207 3.25 -39.10 -23.68
C LYS C 207 3.06 -39.00 -22.17
N VAL C 208 1.78 -39.13 -21.76
CA VAL C 208 1.36 -39.07 -20.36
C VAL C 208 2.00 -40.10 -19.44
N GLY C 209 3.21 -39.81 -18.96
CA GLY C 209 3.89 -40.74 -18.08
C GLY C 209 5.33 -40.91 -18.50
N LYS C 210 5.57 -40.75 -19.80
CA LYS C 210 6.92 -40.89 -20.33
C LYS C 210 7.66 -39.59 -20.04
N VAL C 211 6.94 -38.48 -20.18
CA VAL C 211 7.50 -37.15 -19.92
C VAL C 211 7.03 -36.73 -18.52
N LYS C 212 7.95 -36.76 -17.56
CA LYS C 212 7.64 -36.39 -16.19
C LYS C 212 7.34 -34.90 -15.98
N ILE C 213 6.47 -34.59 -15.03
CA ILE C 213 6.12 -33.21 -14.71
C ILE C 213 6.16 -32.99 -13.21
N VAL C 214 6.96 -32.01 -12.79
CA VAL C 214 7.10 -31.62 -11.39
C VAL C 214 6.78 -30.12 -11.35
N CYS C 215 5.78 -29.74 -10.56
CA CYS C 215 5.40 -28.32 -10.51
C CYS C 215 5.06 -27.82 -9.11
N PHE C 216 4.57 -26.58 -9.05
CA PHE C 216 4.17 -25.94 -7.79
C PHE C 216 2.67 -25.73 -7.70
N ASP C 217 2.18 -25.61 -6.48
CA ASP C 217 0.78 -25.35 -6.20
C ASP C 217 -0.21 -26.50 -6.40
N THR C 218 -1.33 -26.40 -5.69
CA THR C 218 -2.34 -27.42 -5.75
C THR C 218 -3.70 -26.83 -6.09
N THR C 219 -3.75 -26.00 -7.13
CA THR C 219 -5.02 -25.42 -7.54
C THR C 219 -5.85 -26.56 -8.14
N PRO C 220 -7.16 -26.35 -8.32
CA PRO C 220 -8.01 -27.42 -8.89
C PRO C 220 -7.42 -28.12 -10.12
N ASP C 221 -7.12 -27.35 -11.15
CA ASP C 221 -6.58 -27.90 -12.39
C ASP C 221 -5.34 -28.79 -12.18
N ILE C 222 -4.37 -28.31 -11.41
CA ILE C 222 -3.15 -29.09 -11.15
C ILE C 222 -3.48 -30.40 -10.43
N LEU C 223 -4.38 -30.32 -9.46
CA LEU C 223 -4.77 -31.49 -8.68
C LEU C 223 -5.56 -32.53 -9.49
N GLN C 224 -6.16 -32.09 -10.60
CA GLN C 224 -6.91 -33.00 -11.47
C GLN C 224 -5.90 -33.80 -12.28
N TYR C 225 -4.81 -33.16 -12.66
CA TYR C 225 -3.75 -33.82 -13.42
C TYR C 225 -2.93 -34.76 -12.55
N VAL C 226 -2.81 -34.44 -11.27
CA VAL C 226 -2.06 -35.29 -10.35
C VAL C 226 -2.84 -36.60 -10.19
N LYS C 227 -4.16 -36.49 -10.12
CA LYS C 227 -5.00 -37.66 -9.98
C LYS C 227 -4.88 -38.53 -11.23
N GLU C 228 -5.02 -37.90 -12.39
CA GLU C 228 -4.93 -38.60 -13.68
C GLU C 228 -3.54 -39.20 -13.86
N GLY C 229 -2.64 -38.89 -12.94
CA GLY C 229 -1.30 -39.42 -13.02
C GLY C 229 -0.36 -38.72 -13.99
N VAL C 230 -0.80 -37.62 -14.58
CA VAL C 230 0.04 -36.86 -15.52
C VAL C 230 1.16 -36.10 -14.81
N ILE C 231 0.86 -35.59 -13.61
CA ILE C 231 1.85 -34.87 -12.81
C ILE C 231 2.23 -35.75 -11.62
N GLN C 232 3.52 -36.06 -11.49
CA GLN C 232 4.00 -36.93 -10.41
C GLN C 232 4.21 -36.27 -9.07
N ALA C 233 4.54 -35.00 -9.07
CA ALA C 233 4.77 -34.28 -7.82
C ALA C 233 4.63 -32.77 -7.95
N THR C 234 3.98 -32.16 -6.98
CA THR C 234 3.80 -30.70 -6.99
C THR C 234 4.03 -30.09 -5.61
N GLY C 236 3.09 -27.75 -3.15
CA GLY C 236 1.97 -26.89 -2.79
C GLY C 236 2.29 -25.93 -1.67
N GLN C 237 1.78 -24.70 -1.79
CA GLN C 237 2.01 -23.66 -0.77
C GLN C 237 0.75 -23.42 0.04
N ARG C 238 0.79 -22.38 0.87
CA ARG C 238 -0.35 -22.01 1.71
C ARG C 238 -0.70 -20.56 1.42
N PRO C 239 -1.14 -20.26 0.19
CA PRO C 239 -1.49 -18.88 -0.18
C PRO C 239 -2.51 -18.23 0.75
N TYR C 240 -3.50 -19.00 1.20
CA TYR C 240 -4.52 -18.46 2.10
C TYR C 240 -3.87 -17.91 3.37
N GLY C 243 -2.07 -14.57 2.99
CA GLY C 243 -2.86 -13.36 2.93
C GLY C 243 -3.47 -13.04 4.28
N TYR C 244 -3.87 -14.08 4.99
CA TYR C 244 -4.50 -13.91 6.30
C TYR C 244 -3.49 -13.32 7.29
N LEU C 245 -2.27 -13.85 7.29
CA LEU C 245 -1.20 -13.39 8.19
C LEU C 245 -0.69 -11.99 7.85
N SER C 246 -0.66 -11.66 6.55
CA SER C 246 -0.22 -10.32 6.13
C SER C 246 -1.15 -9.26 6.72
N VAL C 247 -2.45 -9.49 6.64
CA VAL C 247 -3.40 -8.52 7.19
C VAL C 247 -3.20 -8.47 8.71
N THR C 248 -3.12 -9.64 9.33
CA THR C 248 -2.92 -9.75 10.78
C THR C 248 -1.68 -8.97 11.26
N VAL C 249 -0.54 -9.23 10.62
CA VAL C 249 0.72 -8.58 10.98
C VAL C 249 0.62 -7.04 10.82
N LEU C 250 0.06 -6.58 9.71
CA LEU C 250 -0.06 -5.15 9.47
C LEU C 250 -1.04 -4.54 10.47
N TYR C 251 -2.05 -5.32 10.86
CA TYR C 251 -3.03 -4.87 11.84
C TYR C 251 -2.33 -4.63 13.17
N LEU C 252 -1.54 -5.61 13.61
CA LEU C 252 -0.81 -5.47 14.86
C LEU C 252 0.18 -4.32 14.81
N ASN C 254 -0.17 -1.54 13.51
CA ASN C 254 -0.91 -0.31 13.71
C ASN C 254 -1.34 -0.21 15.17
N LYS C 255 -1.75 -1.32 15.76
CA LYS C 255 -2.22 -1.30 17.13
C LYS C 255 -1.15 -1.27 18.21
N ILE C 256 -0.22 -2.21 18.14
CA ILE C 256 0.85 -2.28 19.14
C ILE C 256 2.20 -1.75 18.69
N GLY C 257 2.34 -1.40 17.43
CA GLY C 257 3.60 -0.85 16.95
C GLY C 257 4.45 -1.86 16.21
N VAL C 258 5.29 -1.35 15.32
CA VAL C 258 6.17 -2.20 14.53
C VAL C 258 7.09 -3.07 15.38
N GLN C 259 7.75 -2.48 16.36
CA GLN C 259 8.67 -3.25 17.18
C GLN C 259 8.02 -4.34 18.02
N ASN C 260 6.97 -4.01 18.76
CA ASN C 260 6.32 -5.01 19.58
C ASN C 260 5.83 -6.19 18.73
N THR C 261 5.41 -5.87 17.50
CA THR C 261 4.91 -6.89 16.58
C THR C 261 6.04 -7.80 16.14
N LEU C 262 7.15 -7.18 15.75
CA LEU C 262 8.30 -7.96 15.31
C LEU C 262 8.82 -8.90 16.41
N LEU C 265 7.43 -12.30 16.22
CA LEU C 265 7.63 -13.17 15.06
C LEU C 265 8.99 -13.88 15.03
N PRO C 266 9.11 -14.90 14.16
CA PRO C 266 10.33 -15.71 13.98
C PRO C 266 11.44 -14.85 13.39
N LYS C 267 12.62 -14.92 14.00
CA LYS C 267 13.80 -14.17 13.55
C LYS C 267 14.78 -15.07 12.81
N VAL C 268 15.48 -14.49 11.84
CA VAL C 268 16.49 -15.22 11.07
C VAL C 268 17.73 -14.34 10.99
N LYS C 269 18.86 -14.93 10.59
CA LYS C 269 20.12 -14.20 10.51
C LYS C 269 20.68 -14.10 9.09
N VAL C 270 20.21 -13.11 8.34
CA VAL C 270 20.64 -12.89 6.96
C VAL C 270 21.88 -11.98 6.90
N ASP C 271 23.02 -12.55 6.53
CA ASP C 271 24.27 -11.80 6.42
C ASP C 271 24.64 -11.08 7.72
N GLY C 272 24.69 -11.83 8.82
CA GLY C 272 25.04 -11.26 10.10
C GLY C 272 23.98 -10.39 10.73
N LYS C 273 23.00 -9.93 9.95
CA LYS C 273 21.92 -9.09 10.48
C LYS C 273 20.60 -9.84 10.58
N VAL C 274 19.79 -9.45 11.57
CA VAL C 274 18.51 -10.10 11.82
C VAL C 274 17.37 -9.66 10.91
N ASP C 275 16.60 -10.63 10.45
CA ASP C 275 15.45 -10.37 9.58
C ASP C 275 14.27 -11.12 10.18
N TYR C 276 13.06 -10.81 9.71
CA TYR C 276 11.87 -11.49 10.22
C TYR C 276 11.16 -12.21 9.08
N VAL C 277 10.97 -13.52 9.26
CA VAL C 277 10.35 -14.35 8.25
C VAL C 277 9.32 -15.34 8.78
N ILE C 278 8.13 -15.33 8.19
CA ILE C 278 7.10 -16.28 8.59
C ILE C 278 6.98 -17.27 7.44
N ASP C 279 7.50 -18.46 7.65
CA ASP C 279 7.48 -19.51 6.64
C ASP C 279 6.12 -20.20 6.66
N THR C 280 5.35 -20.03 5.60
CA THR C 280 4.02 -20.64 5.53
C THR C 280 4.05 -22.15 5.20
N GLY C 281 5.23 -22.68 4.93
CA GLY C 281 5.37 -24.10 4.66
C GLY C 281 5.00 -24.59 3.28
N VAL C 282 5.23 -25.88 3.04
CA VAL C 282 4.92 -26.50 1.76
C VAL C 282 4.40 -27.91 1.94
N ASP C 283 3.53 -28.33 1.04
CA ASP C 283 2.97 -29.67 1.06
C ASP C 283 3.30 -30.32 -0.27
N VAL C 284 4.11 -31.37 -0.27
CA VAL C 284 4.41 -32.05 -1.52
C VAL C 284 3.24 -32.98 -1.82
N VAL C 285 2.69 -32.88 -3.01
CA VAL C 285 1.56 -33.73 -3.38
C VAL C 285 1.85 -34.57 -4.62
N THR C 286 1.69 -35.88 -4.47
CA THR C 286 1.91 -36.82 -5.55
C THR C 286 0.60 -37.60 -5.69
N PRO C 287 0.49 -38.45 -6.72
CA PRO C 287 -0.76 -39.20 -6.88
C PRO C 287 -0.99 -40.15 -5.71
N GLU C 288 0.09 -40.68 -5.13
CA GLU C 288 -0.05 -41.61 -4.02
C GLU C 288 -0.64 -41.00 -2.75
N ASN C 289 -0.21 -39.80 -2.39
CA ASN C 289 -0.72 -39.17 -1.16
C ASN C 289 -1.79 -38.10 -1.41
N LEU C 290 -2.29 -38.00 -2.64
CA LEU C 290 -3.29 -36.98 -2.93
C LEU C 290 -4.49 -37.04 -2.00
N ASP C 291 -5.05 -38.23 -1.84
CA ASP C 291 -6.22 -38.38 -0.98
C ASP C 291 -5.99 -37.90 0.45
N GLU C 292 -4.75 -38.02 0.94
CA GLU C 292 -4.43 -37.58 2.30
C GLU C 292 -4.27 -36.06 2.39
N TYR C 293 -3.96 -35.45 1.24
CA TYR C 293 -3.81 -34.00 1.19
C TYR C 293 -5.18 -33.35 1.32
N LEU C 294 -6.16 -33.91 0.61
CA LEU C 294 -7.52 -33.38 0.68
C LEU C 294 -8.06 -33.57 2.08
N LYS C 295 -7.54 -34.58 2.77
CA LYS C 295 -7.95 -34.87 4.15
C LYS C 295 -7.36 -33.80 5.07
N LYS C 296 -6.03 -33.63 4.98
CA LYS C 296 -5.34 -32.66 5.80
C LYS C 296 -5.89 -31.24 5.60
N GLU C 298 -8.78 -30.20 4.77
CA GLU C 298 -10.08 -29.98 5.40
C GLU C 298 -10.00 -29.99 6.94
N GLU C 299 -8.91 -30.51 7.48
CA GLU C 299 -8.75 -30.52 8.93
C GLU C 299 -8.32 -29.12 9.34
N LEU C 300 -7.44 -28.52 8.54
CA LEU C 300 -6.91 -27.18 8.78
C LEU C 300 -7.92 -26.04 8.57
N GLY C 301 -9.16 -26.38 8.26
CA GLY C 301 -10.18 -25.36 8.07
C GLY C 301 -10.35 -24.82 6.67
N ILE C 302 -9.46 -25.21 5.75
CA ILE C 302 -9.54 -24.75 4.36
C ILE C 302 -9.71 -25.94 3.41
N PRO C 303 -10.88 -26.61 3.47
CA PRO C 303 -11.17 -27.78 2.63
C PRO C 303 -11.08 -27.58 1.11
N ILE C 304 -10.90 -28.69 0.41
CA ILE C 304 -10.79 -28.72 -1.06
C ILE C 304 -9.57 -27.94 -1.53
N LEU D 3 -13.83 -7.83 25.71
CA LEU D 3 -12.90 -8.94 26.09
C LEU D 3 -12.10 -8.67 27.37
N THR D 4 -11.89 -9.73 28.15
CA THR D 4 -11.14 -9.63 29.40
C THR D 4 -10.05 -10.69 29.47
N ILE D 5 -8.82 -10.24 29.70
CA ILE D 5 -7.67 -11.13 29.80
C ILE D 5 -7.13 -11.14 31.23
N GLY D 6 -6.88 -12.34 31.75
CA GLY D 6 -6.36 -12.49 33.11
C GLY D 6 -4.90 -12.92 33.14
N VAL D 7 -4.12 -12.29 34.02
CA VAL D 7 -2.68 -12.58 34.18
C VAL D 7 -2.32 -12.87 35.63
N ILE D 8 -1.69 -14.02 35.86
CA ILE D 8 -1.29 -14.45 37.20
C ILE D 8 0.23 -14.51 37.37
N GLY D 9 0.75 -13.65 38.26
CA GLY D 9 2.17 -13.58 38.53
C GLY D 9 2.57 -14.41 39.74
N LYS D 10 3.83 -14.35 40.12
CA LYS D 10 4.33 -15.15 41.25
C LYS D 10 4.56 -14.44 42.59
N SER D 11 4.97 -13.19 42.57
CA SER D 11 5.20 -12.49 43.83
C SER D 11 4.98 -11.01 43.66
N VAL D 12 5.03 -10.29 44.78
CA VAL D 12 4.80 -8.85 44.75
C VAL D 12 6.04 -8.03 44.43
N HIS D 13 7.09 -8.71 44.00
CA HIS D 13 8.33 -8.01 43.65
C HIS D 13 8.18 -7.06 42.47
N PRO D 14 8.81 -5.87 42.54
CA PRO D 14 8.72 -4.91 41.45
C PRO D 14 8.96 -5.47 40.03
N TYR D 15 9.63 -6.61 39.94
CA TYR D 15 9.88 -7.24 38.65
C TYR D 15 8.53 -7.51 38.00
N TRP D 16 7.55 -7.85 38.84
CA TRP D 16 6.21 -8.14 38.39
C TRP D 16 5.44 -6.90 38.05
N SER D 17 5.86 -5.76 38.61
CA SER D 17 5.22 -4.50 38.30
C SER D 17 5.59 -4.17 36.86
N GLN D 18 6.81 -4.53 36.47
CA GLN D 18 7.28 -4.29 35.11
C GLN D 18 6.40 -5.10 34.17
N VAL D 19 6.08 -6.33 34.57
CA VAL D 19 5.24 -7.21 33.76
C VAL D 19 3.83 -6.62 33.67
N GLU D 20 3.34 -6.08 34.79
CA GLU D 20 1.99 -5.51 34.80
C GLU D 20 1.90 -4.28 33.89
N GLN D 21 2.98 -3.52 33.78
CA GLN D 21 2.97 -2.35 32.90
C GLN D 21 2.86 -2.82 31.44
N GLY D 22 3.51 -3.93 31.14
CA GLY D 22 3.45 -4.46 29.80
C GLY D 22 2.02 -4.91 29.55
N VAL D 23 1.39 -5.46 30.58
CA VAL D 23 0.03 -5.93 30.48
C VAL D 23 -1.00 -4.82 30.29
N LYS D 24 -0.86 -3.72 31.04
CA LYS D 24 -1.79 -2.61 30.91
C LYS D 24 -1.57 -1.88 29.58
N ALA D 25 -0.32 -1.72 29.19
CA ALA D 25 0.03 -1.05 27.94
C ALA D 25 -0.54 -1.78 26.72
N ALA D 26 -0.45 -3.11 26.71
CA ALA D 26 -0.98 -3.88 25.59
C ALA D 26 -2.49 -3.84 25.57
N GLY D 27 -3.08 -3.98 26.75
CA GLY D 27 -4.53 -3.94 26.86
C GLY D 27 -5.11 -2.62 26.41
N LYS D 28 -4.35 -1.55 26.60
CA LYS D 28 -4.81 -0.22 26.20
C LYS D 28 -4.66 -0.04 24.70
N ALA D 29 -3.61 -0.61 24.13
CA ALA D 29 -3.38 -0.50 22.70
C ALA D 29 -4.39 -1.34 21.93
N LEU D 30 -4.71 -2.52 22.44
CA LEU D 30 -5.67 -3.41 21.78
C LEU D 30 -7.10 -3.22 22.26
N GLY D 31 -7.29 -2.35 23.25
CA GLY D 31 -8.65 -2.12 23.74
C GLY D 31 -9.25 -3.32 24.44
N VAL D 32 -8.44 -3.98 25.26
CA VAL D 32 -8.92 -5.13 26.01
C VAL D 32 -8.71 -4.95 27.51
N ASP D 33 -9.65 -5.48 28.29
CA ASP D 33 -9.59 -5.39 29.74
C ASP D 33 -8.58 -6.41 30.25
N THR D 34 -7.92 -6.10 31.35
CA THR D 34 -6.94 -7.01 31.91
C THR D 34 -7.04 -7.03 33.42
N LYS D 35 -6.98 -8.24 33.98
CA LYS D 35 -7.02 -8.45 35.43
C LYS D 35 -5.62 -9.00 35.75
N PHE D 36 -4.97 -8.40 36.74
CA PHE D 36 -3.63 -8.82 37.14
C PHE D 36 -3.58 -9.23 38.61
N PHE D 37 -2.98 -10.38 38.87
CA PHE D 37 -2.87 -10.86 40.24
C PHE D 37 -1.52 -11.46 40.57
N VAL D 38 -0.94 -11.03 41.69
CA VAL D 38 0.30 -11.59 42.19
C VAL D 38 0.15 -11.65 43.70
N PRO D 39 0.47 -12.80 44.30
CA PRO D 39 0.36 -12.94 45.76
C PRO D 39 1.62 -12.31 46.36
N GLN D 40 1.67 -12.14 47.67
CA GLN D 40 2.83 -11.52 48.31
C GLN D 40 4.13 -12.29 48.10
N LYS D 41 4.06 -13.61 48.26
CA LYS D 41 5.22 -14.46 48.08
C LYS D 41 4.72 -15.72 47.39
N GLU D 42 5.62 -16.67 47.14
CA GLU D 42 5.18 -17.89 46.47
C GLU D 42 3.93 -18.42 47.16
N ASP D 43 2.83 -18.52 46.41
CA ASP D 43 1.57 -19.00 46.96
C ASP D 43 0.79 -19.82 45.92
N ILE D 44 1.23 -21.05 45.70
CA ILE D 44 0.62 -21.95 44.72
C ILE D 44 -0.90 -22.04 44.88
N ASN D 45 -1.36 -22.09 46.13
CA ASN D 45 -2.78 -22.17 46.40
C ASN D 45 -3.52 -20.92 45.97
N ALA D 46 -2.94 -19.76 46.21
CA ALA D 46 -3.55 -18.51 45.81
C ALA D 46 -3.58 -18.41 44.27
N GLN D 47 -2.56 -18.93 43.60
CA GLN D 47 -2.55 -18.89 42.14
C GLN D 47 -3.67 -19.76 41.62
N LEU D 48 -3.80 -20.96 42.18
CA LEU D 48 -4.84 -21.88 41.74
C LEU D 48 -6.24 -21.32 42.00
N GLN D 49 -6.38 -20.59 43.10
CA GLN D 49 -7.65 -20.02 43.50
C GLN D 49 -8.05 -18.90 42.54
N LEU D 51 -6.97 -18.59 39.58
CA LEU D 51 -7.14 -19.21 38.28
C LEU D 51 -8.56 -19.75 38.13
N GLU D 52 -9.09 -20.31 39.21
CA GLU D 52 -10.44 -20.85 39.22
C GLU D 52 -11.40 -19.66 39.12
N SER D 53 -11.04 -18.56 39.79
CA SER D 53 -11.84 -17.35 39.79
C SER D 53 -11.95 -16.81 38.36
N PHE D 54 -10.82 -16.68 37.66
CA PHE D 54 -10.82 -16.18 36.28
C PHE D 54 -11.68 -17.07 35.36
N ILE D 55 -11.51 -18.38 35.46
CA ILE D 55 -12.28 -19.30 34.64
C ILE D 55 -13.77 -19.13 34.89
N ALA D 56 -14.14 -19.04 36.16
CA ALA D 56 -15.52 -18.87 36.56
C ALA D 56 -16.09 -17.55 36.05
N GLU D 57 -15.34 -16.45 36.24
CA GLU D 57 -15.76 -15.13 35.80
C GLU D 57 -15.82 -15.00 34.27
N GLY D 58 -15.44 -16.06 33.58
CA GLY D 58 -15.51 -16.06 32.14
C GLY D 58 -14.53 -15.25 31.31
N VAL D 59 -13.30 -15.05 31.79
CA VAL D 59 -12.31 -14.30 31.02
C VAL D 59 -12.14 -14.93 29.65
N ASN D 60 -11.49 -14.21 28.73
CA ASN D 60 -11.29 -14.72 27.37
C ASN D 60 -9.88 -15.20 27.11
N GLY D 61 -9.04 -15.12 28.14
CA GLY D 61 -7.68 -15.57 27.97
C GLY D 61 -6.97 -15.54 29.29
N ILE D 62 -6.03 -16.44 29.48
CA ILE D 62 -5.29 -16.46 30.73
C ILE D 62 -3.81 -16.70 30.48
N ALA D 63 -2.99 -15.84 31.08
CA ALA D 63 -1.54 -16.00 31.00
C ALA D 63 -1.10 -16.24 32.44
N ILE D 64 -0.48 -17.37 32.71
CA ILE D 64 -0.04 -17.71 34.06
C ILE D 64 1.46 -18.07 34.11
N ALA D 65 2.06 -17.78 35.25
CA ALA D 65 3.47 -18.10 35.53
C ALA D 65 3.36 -19.02 36.74
N PRO D 66 3.10 -20.31 36.50
CA PRO D 66 2.95 -21.29 37.59
C PRO D 66 4.10 -21.49 38.55
N SER D 67 3.84 -21.29 39.83
CA SER D 67 4.86 -21.48 40.85
C SER D 67 5.11 -22.98 40.91
N ASP D 68 4.11 -23.75 40.55
CA ASP D 68 4.19 -25.19 40.52
C ASP D 68 3.56 -25.65 39.19
N PRO D 69 4.39 -26.10 38.25
CA PRO D 69 3.93 -26.55 36.94
C PRO D 69 2.98 -27.74 36.94
N THR D 70 3.16 -28.66 37.89
CA THR D 70 2.30 -29.82 37.90
C THR D 70 0.97 -29.57 38.59
N ALA D 71 1.00 -28.78 39.65
CA ALA D 71 -0.22 -28.47 40.40
C ALA D 71 -1.32 -27.83 39.57
N VAL D 72 -0.93 -26.98 38.62
CA VAL D 72 -1.89 -26.26 37.77
C VAL D 72 -2.40 -26.97 36.53
N ILE D 73 -1.88 -28.16 36.21
CA ILE D 73 -2.33 -28.85 35.00
C ILE D 73 -3.85 -29.10 34.90
N PRO D 74 -4.47 -29.67 35.94
CA PRO D 74 -5.92 -29.94 35.88
C PRO D 74 -6.77 -28.72 35.60
N THR D 75 -6.54 -27.64 36.34
CA THR D 75 -7.33 -26.42 36.15
C THR D 75 -7.08 -25.76 34.80
N ILE D 76 -5.85 -25.82 34.31
CA ILE D 76 -5.54 -25.25 33.01
C ILE D 76 -6.32 -26.05 31.96
N LYS D 77 -6.36 -27.38 32.11
CA LYS D 77 -7.09 -28.20 31.15
C LYS D 77 -8.57 -27.80 31.16
N LYS D 78 -9.10 -27.50 32.34
CA LYS D 78 -10.49 -27.09 32.48
C LYS D 78 -10.72 -25.77 31.74
N ALA D 79 -9.78 -24.84 31.87
CA ALA D 79 -9.86 -23.55 31.21
C ALA D 79 -9.96 -23.76 29.71
N LEU D 80 -9.08 -24.60 29.18
CA LEU D 80 -9.06 -24.91 27.75
C LEU D 80 -10.33 -25.62 27.32
N GLU D 81 -10.84 -26.45 28.22
CA GLU D 81 -12.04 -27.22 27.95
C GLU D 81 -13.20 -26.25 27.84
N GLY D 83 -13.07 -23.36 26.63
CA GLY D 83 -12.77 -22.39 25.59
C GLY D 83 -11.92 -21.18 25.93
N ILE D 84 -11.28 -21.21 27.09
CA ILE D 84 -10.42 -20.12 27.50
C ILE D 84 -8.97 -20.43 27.14
N PRO D 85 -8.41 -19.74 26.14
CA PRO D 85 -7.03 -20.00 25.75
C PRO D 85 -6.09 -19.77 26.93
N VAL D 86 -4.98 -20.51 26.97
CA VAL D 86 -4.03 -20.34 28.07
C VAL D 86 -2.59 -20.34 27.57
N VAL D 87 -1.81 -19.35 28.00
CA VAL D 87 -0.39 -19.30 27.65
C VAL D 87 0.35 -19.13 28.97
N THR D 88 1.65 -19.33 28.95
CA THR D 88 2.44 -19.16 30.15
C THR D 88 3.53 -18.14 29.92
N LEU D 89 3.85 -17.38 30.96
CA LEU D 89 4.91 -16.42 30.89
C LEU D 89 5.82 -16.58 32.10
N ASP D 90 7.07 -16.14 31.98
CA ASP D 90 8.07 -16.17 33.04
C ASP D 90 8.59 -17.55 33.45
N THR D 91 7.69 -18.50 33.58
CA THR D 91 8.07 -19.85 33.95
C THR D 91 7.05 -20.74 33.26
N ASP D 92 7.52 -21.83 32.68
CA ASP D 92 6.65 -22.74 31.94
C ASP D 92 5.98 -23.87 32.72
N SER D 93 5.18 -24.66 31.98
CA SER D 93 4.42 -25.84 32.41
C SER D 93 4.05 -26.53 31.10
N PRO D 94 5.05 -27.16 30.44
CA PRO D 94 4.96 -27.87 29.16
C PRO D 94 3.85 -28.87 28.94
N ASP D 95 3.33 -29.48 30.00
CA ASP D 95 2.28 -30.47 29.82
C ASP D 95 0.88 -30.01 30.25
N SER D 96 0.71 -28.73 30.48
CA SER D 96 -0.59 -28.21 30.91
C SER D 96 -1.58 -28.13 29.77
N GLY D 97 -1.05 -28.12 28.55
CA GLY D 97 -1.89 -28.01 27.38
C GLY D 97 -1.83 -26.56 26.89
N ARG D 98 -1.11 -25.71 27.62
CA ARG D 98 -0.98 -24.31 27.25
C ARG D 98 -0.39 -24.24 25.85
N TYR D 99 -0.78 -23.22 25.10
CA TYR D 99 -0.34 -23.09 23.73
C TYR D 99 1.03 -22.48 23.46
N VAL D 100 1.45 -21.56 24.31
CA VAL D 100 2.72 -20.89 24.09
C VAL D 100 3.42 -20.54 25.38
N TYR D 101 4.75 -20.56 25.36
CA TYR D 101 5.52 -20.13 26.53
C TYR D 101 6.15 -18.82 26.09
N ILE D 102 6.05 -17.81 26.94
CA ILE D 102 6.59 -16.50 26.62
C ILE D 102 7.48 -16.04 27.76
N GLY D 103 8.78 -15.94 27.51
CA GLY D 103 9.71 -15.51 28.55
C GLY D 103 11.16 -15.83 28.24
N THR D 104 11.97 -15.95 29.28
CA THR D 104 13.39 -16.26 29.14
C THR D 104 13.66 -17.74 28.92
N ASP D 105 14.73 -18.04 28.19
CA ASP D 105 15.11 -19.42 27.99
C ASP D 105 15.94 -19.67 29.25
N ASN D 106 15.23 -19.96 30.34
CA ASN D 106 15.82 -20.16 31.64
C ASN D 106 17.05 -21.07 31.76
N TYR D 107 17.03 -22.23 31.11
CA TYR D 107 18.18 -23.11 31.17
C TYR D 107 19.42 -22.38 30.65
N GLN D 108 19.31 -21.77 29.47
CA GLN D 108 20.43 -21.08 28.87
C GLN D 108 20.93 -19.89 29.69
N ALA D 109 20.01 -19.15 30.31
CA ALA D 109 20.38 -17.99 31.12
C ALA D 109 21.21 -18.45 32.31
N GLY D 110 20.77 -19.56 32.92
CA GLY D 110 21.49 -20.12 34.06
C GLY D 110 22.87 -20.60 33.63
N TYR D 111 22.92 -21.17 32.43
CA TYR D 111 24.16 -21.67 31.88
C TYR D 111 25.14 -20.52 31.67
N THR D 112 24.66 -19.44 31.09
CA THR D 112 25.51 -18.28 30.85
C THR D 112 25.97 -17.75 32.20
N ALA D 113 25.05 -17.68 33.16
CA ALA D 113 25.39 -17.20 34.49
C ALA D 113 26.48 -18.08 35.09
N GLY D 114 26.39 -19.38 34.86
CA GLY D 114 27.36 -20.33 35.38
C GLY D 114 28.74 -20.14 34.80
N LEU D 115 28.80 -19.90 33.48
CA LEU D 115 30.07 -19.69 32.80
C LEU D 115 30.72 -18.39 33.27
N ILE D 116 29.93 -17.37 33.54
CA ILE D 116 30.48 -16.11 34.00
C ILE D 116 31.07 -16.30 35.39
N LYS D 118 32.24 -19.08 36.70
CA LYS D 118 33.44 -19.88 36.53
C LYS D 118 34.68 -19.07 36.18
N GLU D 119 34.51 -18.04 35.35
CA GLU D 119 35.66 -17.23 34.96
C GLU D 119 36.01 -16.20 36.03
N LEU D 120 35.01 -15.75 36.78
CA LEU D 120 35.23 -14.77 37.84
C LEU D 120 36.01 -15.39 39.01
N LEU D 121 35.71 -16.65 39.30
CA LEU D 121 36.34 -17.38 40.40
C LEU D 121 37.53 -18.23 39.97
N GLY D 122 37.94 -18.07 38.71
CA GLY D 122 39.06 -18.85 38.22
C GLY D 122 38.86 -20.35 38.33
N GLY D 123 37.65 -20.81 38.04
CA GLY D 123 37.37 -22.23 38.08
C GLY D 123 37.36 -22.95 39.41
N LYS D 124 37.51 -22.22 40.51
CA LYS D 124 37.48 -22.86 41.82
C LYS D 124 36.89 -21.96 42.91
N GLY D 125 36.28 -22.58 43.90
CA GLY D 125 35.68 -21.83 44.99
C GLY D 125 34.37 -22.42 45.48
N LYS D 126 33.86 -21.88 46.58
CA LYS D 126 32.61 -22.34 47.16
C LYS D 126 31.50 -21.35 46.83
N VAL D 127 30.38 -21.87 46.34
CA VAL D 127 29.25 -21.04 45.96
C VAL D 127 28.00 -21.41 46.73
N VAL D 128 27.19 -20.41 47.04
CA VAL D 128 25.93 -20.63 47.69
C VAL D 128 24.87 -20.06 46.77
N ILE D 129 23.80 -20.83 46.56
CA ILE D 129 22.72 -20.41 45.67
C ILE D 129 21.49 -19.95 46.46
N GLY D 130 20.95 -18.80 46.04
CA GLY D 130 19.75 -18.25 46.66
C GLY D 130 18.62 -18.21 45.64
N THR D 131 17.49 -18.82 45.97
CA THR D 131 16.34 -18.83 45.07
C THR D 131 15.02 -18.71 45.81
N GLY D 132 13.97 -18.34 45.08
CA GLY D 132 12.65 -18.18 45.69
C GLY D 132 11.75 -19.36 45.45
N SER D 133 12.27 -20.42 44.82
CA SER D 133 11.44 -21.59 44.59
C SER D 133 12.24 -22.81 44.25
N LEU D 134 11.68 -23.97 44.57
CA LEU D 134 12.31 -25.25 44.26
C LEU D 134 11.25 -26.07 43.56
N THR D 135 10.16 -25.40 43.20
CA THR D 135 9.07 -26.04 42.51
C THR D 135 8.83 -25.43 41.12
N ALA D 136 9.12 -24.15 40.98
CA ALA D 136 8.95 -23.44 39.73
C ALA D 136 9.99 -23.88 38.71
N ASN D 138 11.25 -22.41 36.07
CA ASN D 138 12.28 -21.44 35.69
C ASN D 138 13.44 -21.42 36.71
N SER D 139 13.12 -21.64 37.99
CA SER D 139 14.14 -21.67 39.03
C SER D 139 14.99 -22.93 38.88
N LEU D 140 14.33 -24.07 38.72
CA LEU D 140 15.05 -25.31 38.55
C LEU D 140 15.91 -25.30 37.29
N GLN D 141 15.43 -24.67 36.23
CA GLN D 141 16.20 -24.63 34.99
C GLN D 141 17.40 -23.71 35.11
N ARG D 142 17.26 -22.62 35.83
CA ARG D 142 18.37 -21.70 35.99
C ARG D 142 19.44 -22.35 36.84
N ILE D 143 19.01 -23.09 37.86
CA ILE D 143 19.93 -23.78 38.74
C ILE D 143 20.64 -24.91 38.00
N GLN D 144 19.90 -25.71 37.25
CA GLN D 144 20.52 -26.81 36.52
C GLN D 144 21.48 -26.31 35.43
N GLY D 145 21.17 -25.16 34.84
CA GLY D 145 22.01 -24.60 33.80
C GLY D 145 23.29 -24.08 34.41
N PHE D 146 23.18 -23.53 35.61
CA PHE D 146 24.32 -23.00 36.34
C PHE D 146 25.22 -24.19 36.69
N LYS D 147 24.60 -25.27 37.17
CA LYS D 147 25.32 -26.47 37.56
C LYS D 147 26.09 -27.08 36.38
N ASP D 148 25.41 -27.23 35.26
CA ASP D 148 26.03 -27.81 34.08
C ASP D 148 27.17 -26.95 33.53
N ALA D 149 27.17 -25.66 33.84
CA ALA D 149 28.24 -24.80 33.32
C ALA D 149 29.52 -24.83 34.13
N ILE D 150 29.40 -25.18 35.40
CA ILE D 150 30.57 -25.24 36.27
C ILE D 150 30.97 -26.70 36.56
N LYS D 151 30.16 -27.64 36.10
CA LYS D 151 30.42 -29.05 36.34
C LYS D 151 31.85 -29.48 35.99
N ASP D 152 32.42 -28.91 34.92
CA ASP D 152 33.76 -29.26 34.51
C ASP D 152 34.87 -28.51 35.26
N SER D 153 34.52 -27.84 36.35
CA SER D 153 35.49 -27.09 37.14
C SER D 153 35.67 -27.69 38.53
N GLU D 154 36.20 -26.91 39.46
CA GLU D 154 36.41 -27.35 40.84
C GLU D 154 35.47 -26.58 41.77
N ILE D 155 34.63 -25.75 41.16
CA ILE D 155 33.69 -24.94 41.92
C ILE D 155 32.72 -25.86 42.63
N GLU D 156 32.47 -25.54 43.89
CA GLU D 156 31.60 -26.35 44.72
C GLU D 156 30.38 -25.55 45.20
N ILE D 157 29.19 -26.09 44.95
CA ILE D 157 27.96 -25.45 45.41
C ILE D 157 27.75 -26.08 46.78
N VAL D 158 27.82 -25.28 47.84
CA VAL D 158 27.66 -25.80 49.19
C VAL D 158 26.27 -25.67 49.80
N ASP D 159 25.40 -24.89 49.16
CA ASP D 159 24.04 -24.70 49.66
C ASP D 159 23.09 -24.09 48.62
N ILE D 160 21.82 -24.45 48.73
CA ILE D 160 20.76 -23.93 47.87
C ILE D 160 19.64 -23.53 48.83
N LEU D 161 19.60 -22.23 49.14
CA LEU D 161 18.63 -21.65 50.06
C LEU D 161 17.36 -21.12 49.39
N ASN D 162 16.22 -21.67 49.78
CA ASN D 162 14.92 -21.29 49.24
C ASN D 162 14.19 -20.31 50.16
N ASP D 163 13.91 -19.11 49.68
CA ASP D 163 13.23 -18.09 50.48
C ASP D 163 11.77 -17.87 50.11
N GLU D 164 11.25 -18.69 49.19
CA GLU D 164 9.87 -18.58 48.72
C GLU D 164 9.45 -17.16 48.30
N GLU D 165 10.38 -16.43 47.69
CA GLU D 165 10.16 -15.06 47.20
C GLU D 165 9.72 -14.13 48.33
N ASP D 166 10.54 -14.11 49.37
CA ASP D 166 10.33 -13.29 50.55
C ASP D 166 11.63 -12.53 50.76
N GLY D 167 11.55 -11.21 50.70
CA GLY D 167 12.72 -10.37 50.86
C GLY D 167 13.57 -10.54 52.10
N ALA D 168 12.94 -10.44 53.27
CA ALA D 168 13.63 -10.58 54.54
C ALA D 168 14.15 -12.00 54.69
N ARG D 169 13.30 -12.96 54.37
CA ARG D 169 13.67 -14.37 54.45
C ARG D 169 14.92 -14.57 53.57
N ALA D 170 14.95 -13.89 52.42
CA ALA D 170 16.08 -13.98 51.51
C ALA D 170 17.35 -13.47 52.16
N VAL D 171 17.20 -12.42 52.96
CA VAL D 171 18.32 -11.80 53.65
C VAL D 171 18.87 -12.63 54.81
N SER D 172 17.98 -13.20 55.62
CA SER D 172 18.42 -13.97 56.78
C SER D 172 19.03 -15.29 56.38
N LEU D 173 18.62 -15.82 55.24
CA LEU D 173 19.18 -17.08 54.79
C LEU D 173 20.60 -16.90 54.29
N ALA D 174 20.83 -15.82 53.57
CA ALA D 174 22.15 -15.53 53.01
C ALA D 174 23.12 -15.16 54.14
N GLU D 175 22.58 -14.52 55.16
CA GLU D 175 23.38 -14.10 56.31
C GLU D 175 23.82 -15.35 57.05
N ALA D 176 22.89 -16.25 57.30
CA ALA D 176 23.20 -17.49 58.01
C ALA D 176 24.16 -18.36 57.22
N ALA D 177 24.07 -18.27 55.89
CA ALA D 177 24.93 -19.06 55.03
C ALA D 177 26.36 -18.53 55.05
N LEU D 178 26.52 -17.22 55.19
CA LEU D 178 27.84 -16.64 55.22
C LEU D 178 28.55 -17.00 56.54
N ASN D 179 27.78 -17.07 57.62
CA ASN D 179 28.32 -17.41 58.92
C ASN D 179 28.69 -18.89 58.97
N ALA D 180 27.89 -19.72 58.29
CA ALA D 180 28.12 -21.16 58.24
C ALA D 180 29.26 -21.52 57.31
N HIS D 181 29.56 -20.60 56.39
CA HIS D 181 30.63 -20.76 55.40
C HIS D 181 31.47 -19.49 55.31
N PRO D 182 32.24 -19.18 56.36
CA PRO D 182 33.08 -17.98 56.34
C PRO D 182 34.12 -17.98 55.22
N ASP D 183 34.22 -19.11 54.51
CA ASP D 183 35.16 -19.23 53.42
C ASP D 183 34.45 -19.21 52.07
N LEU D 184 33.26 -18.61 52.05
CA LEU D 184 32.47 -18.51 50.83
C LEU D 184 33.11 -17.58 49.80
N ASP D 185 33.05 -17.99 48.54
CA ASP D 185 33.63 -17.22 47.44
C ASP D 185 32.60 -16.47 46.62
N ALA D 186 31.37 -16.98 46.60
CA ALA D 186 30.33 -16.32 45.82
C ALA D 186 28.91 -16.79 46.05
N PHE D 187 27.98 -15.91 45.72
CA PHE D 187 26.55 -16.17 45.83
C PHE D 187 25.98 -16.14 44.42
N PHE D 188 24.95 -16.95 44.17
CA PHE D 188 24.27 -16.99 42.89
C PHE D 188 22.78 -16.75 43.21
N GLY D 189 22.27 -15.63 42.71
CA GLY D 189 20.88 -15.26 42.95
C GLY D 189 19.98 -15.62 41.79
N VAL D 190 19.14 -16.63 42.00
CA VAL D 190 18.24 -17.09 40.95
C VAL D 190 17.06 -16.18 40.65
N TYR D 191 16.46 -15.58 41.67
CA TYR D 191 15.31 -14.69 41.49
C TYR D 191 15.67 -13.22 41.78
N ALA D 192 14.79 -12.31 41.39
CA ALA D 192 15.03 -10.88 41.61
C ALA D 192 15.30 -10.48 43.05
N TYR D 193 14.78 -11.24 44.01
CA TYR D 193 14.99 -10.95 45.44
C TYR D 193 16.41 -11.30 45.91
N ASN D 194 16.89 -12.45 45.45
CA ASN D 194 18.19 -12.97 45.85
C ASN D 194 19.40 -12.08 45.63
N GLY D 195 19.61 -11.64 44.40
CA GLY D 195 20.74 -10.80 44.10
C GLY D 195 20.99 -9.64 45.05
N PRO D 196 19.96 -8.84 45.35
CA PRO D 196 20.14 -7.71 46.25
C PRO D 196 20.16 -8.09 47.75
N ALA D 197 19.61 -9.25 48.10
CA ALA D 197 19.64 -9.69 49.50
C ALA D 197 21.08 -10.12 49.79
N GLN D 198 21.67 -10.81 48.83
CA GLN D 198 23.05 -11.29 48.94
C GLN D 198 23.99 -10.09 48.91
N ALA D 199 23.66 -9.09 48.11
CA ALA D 199 24.49 -7.90 48.01
C ALA D 199 24.45 -7.15 49.35
N LEU D 200 23.27 -7.14 49.98
CA LEU D 200 23.10 -6.47 51.27
C LEU D 200 23.94 -7.16 52.34
N VAL D 201 23.92 -8.50 52.33
CA VAL D 201 24.68 -9.29 53.28
C VAL D 201 26.18 -9.17 53.07
N VAL D 202 26.60 -9.26 51.81
CA VAL D 202 28.02 -9.14 51.50
C VAL D 202 28.55 -7.77 51.89
N LYS D 203 27.68 -6.78 51.83
CA LYS D 203 28.04 -5.41 52.18
C LYS D 203 28.08 -5.27 53.71
N ASN D 204 27.14 -5.93 54.38
CA ASN D 204 27.06 -5.91 55.84
C ASN D 204 28.23 -6.59 56.51
N ALA D 205 29.03 -7.31 55.73
CA ALA D 205 30.19 -8.02 56.27
C ALA D 205 31.48 -7.43 55.69
N GLY D 206 31.33 -6.31 54.99
CA GLY D 206 32.47 -5.66 54.39
C GLY D 206 33.29 -6.61 53.54
N LYS D 207 32.60 -7.40 52.72
CA LYS D 207 33.24 -8.37 51.86
C LYS D 207 33.00 -8.07 50.38
N VAL D 208 32.76 -6.80 50.09
CA VAL D 208 32.54 -6.35 48.72
C VAL D 208 33.73 -6.76 47.88
N GLY D 209 33.47 -7.29 46.70
CA GLY D 209 34.56 -7.72 45.83
C GLY D 209 35.21 -9.02 46.27
N LYS D 210 35.10 -9.36 47.55
CA LYS D 210 35.70 -10.58 48.06
C LYS D 210 34.81 -11.80 47.80
N VAL D 211 33.51 -11.62 47.98
CA VAL D 211 32.52 -12.66 47.74
C VAL D 211 31.76 -12.23 46.51
N LYS D 212 32.00 -12.92 45.40
CA LYS D 212 31.35 -12.59 44.15
C LYS D 212 29.84 -12.80 44.18
N ILE D 213 29.15 -12.14 43.25
CA ILE D 213 27.70 -12.26 43.12
C ILE D 213 27.26 -12.20 41.67
N VAL D 214 26.60 -13.26 41.23
CA VAL D 214 26.05 -13.35 39.89
C VAL D 214 24.57 -13.60 40.14
N CYS D 215 23.71 -12.77 39.59
CA CYS D 215 22.27 -12.93 39.80
C CYS D 215 21.44 -12.62 38.56
N PHE D 216 20.14 -12.52 38.76
CA PHE D 216 19.19 -12.23 37.68
C PHE D 216 18.50 -10.86 37.83
N ASP D 217 17.86 -10.42 36.76
CA ASP D 217 17.10 -9.17 36.73
C ASP D 217 17.83 -7.88 36.93
N THR D 218 17.17 -6.80 36.54
CA THR D 218 17.78 -5.49 36.60
C THR D 218 16.91 -4.44 37.27
N THR D 219 16.26 -4.80 38.37
CA THR D 219 15.42 -3.86 39.10
C THR D 219 16.35 -2.80 39.73
N PRO D 220 15.80 -1.63 40.10
CA PRO D 220 16.58 -0.53 40.69
C PRO D 220 17.59 -0.91 41.77
N ASP D 221 17.16 -1.67 42.78
CA ASP D 221 18.07 -2.05 43.85
C ASP D 221 19.26 -2.81 43.28
N ILE D 222 18.97 -3.78 42.40
CA ILE D 222 20.02 -4.58 41.78
C ILE D 222 21.03 -3.74 41.01
N LEU D 223 20.53 -2.86 40.16
CA LEU D 223 21.40 -2.02 39.36
C LEU D 223 22.27 -1.14 40.24
N GLN D 224 21.75 -0.81 41.42
CA GLN D 224 22.46 0.02 42.39
C GLN D 224 23.73 -0.72 42.83
N TYR D 225 23.57 -1.95 43.32
CA TYR D 225 24.70 -2.75 43.77
C TYR D 225 25.65 -3.10 42.64
N VAL D 226 25.16 -3.07 41.41
CA VAL D 226 26.00 -3.35 40.26
C VAL D 226 26.90 -2.14 40.03
N LYS D 227 26.34 -0.96 40.28
CA LYS D 227 27.08 0.29 40.11
C LYS D 227 28.14 0.40 41.21
N GLU D 228 27.78 -0.03 42.42
CA GLU D 228 28.68 0.00 43.56
C GLU D 228 29.70 -1.13 43.46
N GLY D 229 29.54 -1.97 42.45
CA GLY D 229 30.47 -3.08 42.28
C GLY D 229 30.28 -4.23 43.25
N VAL D 230 29.13 -4.31 43.89
CA VAL D 230 28.87 -5.40 44.83
C VAL D 230 28.44 -6.67 44.08
N ILE D 231 27.87 -6.46 42.90
CA ILE D 231 27.43 -7.55 42.01
C ILE D 231 28.22 -7.43 40.69
N GLN D 232 28.91 -8.49 40.32
CA GLN D 232 29.73 -8.49 39.10
C GLN D 232 28.99 -8.70 37.79
N ALA D 233 27.84 -9.34 37.86
CA ALA D 233 27.04 -9.57 36.66
C ALA D 233 25.64 -10.04 37.02
N THR D 234 24.67 -9.64 36.21
CA THR D 234 23.27 -10.01 36.42
C THR D 234 22.59 -10.30 35.08
N GLY D 236 19.67 -9.93 33.09
CA GLY D 236 18.43 -9.19 33.02
C GLY D 236 17.48 -9.78 32.01
N GLN D 237 16.20 -9.87 32.36
CA GLN D 237 15.18 -10.39 31.45
C GLN D 237 14.36 -9.24 30.90
N ARG D 238 13.28 -9.56 30.19
CA ARG D 238 12.41 -8.55 29.59
C ARG D 238 10.98 -8.77 30.06
N PRO D 239 10.73 -8.61 31.37
CA PRO D 239 9.38 -8.81 31.91
C PRO D 239 8.27 -8.03 31.22
N TYR D 240 8.49 -6.73 31.01
CA TYR D 240 7.50 -5.88 30.35
C TYR D 240 6.99 -6.58 29.10
N GLY D 243 4.68 -9.48 29.47
CA GLY D 243 3.30 -9.16 29.76
C GLY D 243 2.57 -8.65 28.54
N TYR D 244 3.23 -7.74 27.81
CA TYR D 244 2.66 -7.15 26.62
C TYR D 244 2.35 -8.22 25.58
N LEU D 245 3.30 -9.12 25.35
CA LEU D 245 3.08 -10.17 24.37
C LEU D 245 2.07 -11.22 24.81
N SER D 246 1.93 -11.43 26.13
CA SER D 246 0.94 -12.40 26.59
C SER D 246 -0.48 -11.91 26.29
N VAL D 247 -0.71 -10.63 26.50
CA VAL D 247 -2.03 -10.05 26.24
C VAL D 247 -2.29 -10.07 24.75
N THR D 248 -1.29 -9.70 23.96
CA THR D 248 -1.42 -9.68 22.51
C THR D 248 -1.74 -11.05 21.93
N VAL D 249 -1.00 -12.07 22.35
CA VAL D 249 -1.21 -13.45 21.88
C VAL D 249 -2.62 -13.97 22.21
N LEU D 250 -3.06 -13.75 23.45
CA LEU D 250 -4.37 -14.20 23.85
C LEU D 250 -5.43 -13.42 23.08
N TYR D 251 -5.24 -12.10 22.93
CA TYR D 251 -6.16 -11.25 22.19
C TYR D 251 -6.35 -11.79 20.78
N LEU D 252 -5.24 -12.13 20.13
CA LEU D 252 -5.28 -12.70 18.78
C LEU D 252 -5.97 -14.05 18.76
N ASN D 254 -8.41 -14.97 20.44
CA ASN D 254 -9.85 -14.75 20.48
C ASN D 254 -10.32 -14.25 19.09
N LYS D 255 -9.64 -13.25 18.56
CA LYS D 255 -10.01 -12.65 17.28
C LYS D 255 -9.86 -13.50 16.03
N ILE D 256 -8.68 -14.06 15.82
CA ILE D 256 -8.43 -14.86 14.63
C ILE D 256 -8.32 -16.36 14.91
N GLY D 257 -8.44 -16.76 16.17
CA GLY D 257 -8.33 -18.18 16.49
C GLY D 257 -6.94 -18.67 16.87
N VAL D 258 -6.91 -19.74 17.65
CA VAL D 258 -5.68 -20.33 18.14
C VAL D 258 -4.71 -20.75 17.04
N GLN D 259 -5.15 -21.63 16.14
CA GLN D 259 -4.28 -22.08 15.06
C GLN D 259 -3.66 -20.96 14.23
N ASN D 260 -4.46 -20.04 13.69
CA ASN D 260 -3.89 -18.95 12.90
C ASN D 260 -2.86 -18.17 13.71
N THR D 261 -3.12 -17.99 15.00
CA THR D 261 -2.18 -17.25 15.83
C THR D 261 -0.84 -17.96 15.98
N LEU D 262 -0.87 -19.28 16.17
CA LEU D 262 0.35 -20.06 16.34
C LEU D 262 1.19 -20.07 15.06
N LEU D 265 3.85 -17.52 15.24
CA LEU D 265 4.87 -17.59 16.28
C LEU D 265 6.07 -18.50 16.00
N PRO D 266 7.18 -18.28 16.71
CA PRO D 266 8.40 -19.06 16.57
C PRO D 266 8.14 -20.51 16.99
N LYS D 267 8.45 -21.44 16.10
CA LYS D 267 8.23 -22.86 16.36
C LYS D 267 9.51 -23.55 16.83
N VAL D 268 9.33 -24.49 17.75
CA VAL D 268 10.42 -25.29 18.29
C VAL D 268 9.94 -26.73 18.29
N LYS D 269 10.86 -27.68 18.39
CA LYS D 269 10.48 -29.07 18.44
C LYS D 269 10.96 -29.64 19.76
N VAL D 270 10.04 -30.22 20.52
CA VAL D 270 10.37 -30.81 21.81
C VAL D 270 9.84 -32.23 21.84
N ASP D 271 10.71 -33.19 22.17
CA ASP D 271 10.32 -34.59 22.19
C ASP D 271 9.59 -34.97 20.89
N GLY D 272 10.12 -34.48 19.77
CA GLY D 272 9.54 -34.80 18.48
C GLY D 272 8.25 -34.11 18.10
N LYS D 273 7.71 -33.29 18.99
CA LYS D 273 6.47 -32.56 18.73
C LYS D 273 6.70 -31.05 18.71
N VAL D 274 6.02 -30.38 17.78
CA VAL D 274 6.13 -28.94 17.62
C VAL D 274 5.55 -28.19 18.82
N ASP D 275 6.23 -27.12 19.23
CA ASP D 275 5.76 -26.32 20.33
C ASP D 275 6.02 -24.87 19.94
N TYR D 276 5.39 -23.93 20.64
CA TYR D 276 5.55 -22.52 20.32
C TYR D 276 6.14 -21.74 21.47
N VAL D 277 7.26 -21.07 21.19
CA VAL D 277 7.98 -20.31 22.18
C VAL D 277 8.39 -18.91 21.74
N ILE D 278 8.15 -17.94 22.58
CA ILE D 278 8.60 -16.60 22.28
C ILE D 278 9.69 -16.33 23.31
N ASP D 279 10.93 -16.36 22.84
CA ASP D 279 12.10 -16.15 23.67
C ASP D 279 12.29 -14.64 23.83
N THR D 280 12.01 -14.12 25.02
CA THR D 280 12.13 -12.68 25.25
C THR D 280 13.55 -12.14 25.47
N GLY D 281 14.54 -13.01 25.44
CA GLY D 281 15.93 -12.59 25.57
C GLY D 281 16.44 -12.10 26.91
N VAL D 282 17.75 -12.13 27.06
CA VAL D 282 18.39 -11.67 28.29
C VAL D 282 19.46 -10.67 27.98
N ASP D 283 19.70 -9.75 28.92
CA ASP D 283 20.74 -8.74 28.77
C ASP D 283 21.74 -8.96 29.89
N VAL D 284 23.00 -9.22 29.57
CA VAL D 284 23.98 -9.42 30.63
C VAL D 284 24.45 -8.03 31.03
N VAL D 285 24.24 -7.66 32.29
CA VAL D 285 24.64 -6.35 32.78
C VAL D 285 25.74 -6.46 33.83
N THR D 286 26.85 -5.77 33.55
CA THR D 286 27.99 -5.78 34.46
C THR D 286 28.27 -4.33 34.88
N PRO D 287 29.27 -4.11 35.75
CA PRO D 287 29.54 -2.73 36.13
C PRO D 287 30.13 -2.05 34.91
N GLU D 288 30.89 -2.82 34.13
CA GLU D 288 31.53 -2.32 32.94
C GLU D 288 30.60 -1.85 31.81
N ASN D 289 29.41 -2.43 31.70
CA ASN D 289 28.49 -2.02 30.64
C ASN D 289 27.16 -1.44 31.13
N LEU D 290 27.07 -1.12 32.41
CA LEU D 290 25.86 -0.57 32.99
C LEU D 290 25.28 0.60 32.19
N ASP D 291 26.08 1.62 31.93
CA ASP D 291 25.60 2.79 31.20
C ASP D 291 25.02 2.47 29.83
N GLU D 292 25.65 1.55 29.11
CA GLU D 292 25.17 1.18 27.79
C GLU D 292 23.81 0.48 27.90
N TYR D 293 23.59 -0.17 29.04
CA TYR D 293 22.35 -0.86 29.28
C TYR D 293 21.23 0.16 29.45
N LEU D 294 21.46 1.15 30.30
CA LEU D 294 20.45 2.18 30.54
C LEU D 294 20.01 2.81 29.22
N LYS D 295 20.98 3.23 28.42
CA LYS D 295 20.70 3.86 27.14
C LYS D 295 19.86 2.92 26.28
N LYS D 296 20.28 1.66 26.19
CA LYS D 296 19.58 0.66 25.39
C LYS D 296 18.10 0.50 25.77
N GLU D 298 16.10 2.76 27.27
CA GLU D 298 15.30 3.92 26.92
C GLU D 298 15.15 3.99 25.40
N GLU D 299 16.06 3.33 24.71
CA GLU D 299 16.04 3.25 23.25
C GLU D 299 14.97 2.28 22.80
N LEU D 300 14.64 1.33 23.66
CA LEU D 300 13.63 0.32 23.34
C LEU D 300 12.23 0.74 23.78
N GLY D 301 12.13 1.91 24.39
CA GLY D 301 10.83 2.39 24.82
C GLY D 301 10.50 2.11 26.27
N ILE D 302 11.41 1.43 26.96
CA ILE D 302 11.19 1.12 28.38
C ILE D 302 12.35 1.68 29.22
N PRO D 303 12.45 3.01 29.32
CA PRO D 303 13.51 3.68 30.09
C PRO D 303 13.60 3.39 31.60
N ILE D 304 14.63 3.99 32.21
CA ILE D 304 14.97 3.90 33.64
C ILE D 304 15.05 2.46 34.16
#